data_4JAB
# 
_entry.id   4JAB 
# 
_audit_conform.dict_name       mmcif_pdbx.dic 
_audit_conform.dict_version    5.379 
_audit_conform.dict_location   http://mmcif.pdb.org/dictionaries/ascii/mmcif_pdbx.dic 
# 
loop_
_database_2.database_id 
_database_2.database_code 
_database_2.pdbx_database_accession 
_database_2.pdbx_DOI 
PDB   4JAB         pdb_00004jab 10.2210/pdb4jab/pdb 
NDB   NA2262       ?            ?                   
RCSB  RCSB077794   ?            ?                   
WWPDB D_1000077794 ?            ?                   
# 
_pdbx_database_related.db_name        PDB 
_pdbx_database_related.db_id          4JAH 
_pdbx_database_related.details        . 
_pdbx_database_related.content_type   unspecified 
# 
_pdbx_database_status.status_code                     REL 
_pdbx_database_status.entry_id                        4JAB 
_pdbx_database_status.recvd_initial_deposition_date   2013-02-18 
_pdbx_database_status.deposit_site                    RCSB 
_pdbx_database_status.process_site                    RCSB 
_pdbx_database_status.status_code_sf                  REL 
_pdbx_database_status.status_code_mr                  ? 
_pdbx_database_status.SG_entry                        ? 
_pdbx_database_status.status_code_cs                  ? 
_pdbx_database_status.methods_development_category    ? 
_pdbx_database_status.pdb_format_compatible           Y 
_pdbx_database_status.status_code_nmr_data            ? 
# 
loop_
_audit_author.name 
_audit_author.pdbx_ordinal 
'Jiang, S.' 1 
'Sun, H.'   2 
'Gan, J.'   3 
'Huang, Z.' 4 
# 
_citation.id                        primary 
_citation.title                     '2-Se Uridine enhanced U/G Wobble Base Pair Discrimination' 
_citation.journal_abbrev            'To be Published' 
_citation.journal_volume            ? 
_citation.page_first                ? 
_citation.page_last                 ? 
_citation.year                      ? 
_citation.journal_id_ASTM           ? 
_citation.country                   ? 
_citation.journal_id_ISSN           ? 
_citation.journal_id_CSD            0353 
_citation.book_publisher            ? 
_citation.pdbx_database_id_PubMed   ? 
_citation.pdbx_database_id_DOI      ? 
# 
loop_
_citation_author.citation_id 
_citation_author.name 
_citation_author.ordinal 
_citation_author.identifier_ORCID 
primary 'Jiang, S.' 1 ? 
primary 'Sun, H.'   2 ? 
primary 'Gan, J.'   3 ? 
primary 'Huang, Z.' 4 ? 
# 
_cell.entry_id           4JAB 
_cell.length_a           41.681 
_cell.length_b           41.681 
_cell.length_c           60.014 
_cell.angle_alpha        90.00 
_cell.angle_beta         90.00 
_cell.angle_gamma        120.00 
_cell.Z_PDB              18 
_cell.pdbx_unique_axis   ? 
_cell.length_a_esd       ? 
_cell.length_b_esd       ? 
_cell.length_c_esd       ? 
_cell.angle_alpha_esd    ? 
_cell.angle_beta_esd     ? 
_cell.angle_gamma_esd    ? 
# 
_symmetry.entry_id                         4JAB 
_symmetry.space_group_name_H-M             'H 3' 
_symmetry.pdbx_full_space_group_name_H-M   ? 
_symmetry.cell_setting                     ? 
_symmetry.Int_Tables_number                146 
_symmetry.space_group_name_Hall            ? 
# 
loop_
_entity.id 
_entity.type 
_entity.src_method 
_entity.pdbx_description 
_entity.formula_weight 
_entity.pdbx_number_of_molecules 
_entity.pdbx_ec 
_entity.pdbx_mutation 
_entity.pdbx_fragment 
_entity.details 
1 polymer     syn 
;RNA (5'-R(*GP*UP*GP*UP*AP*UP*AP*C)-3')
;
2527.545 2 ? ? ? ? 
2 non-polymer syn 'STRONTIUM ION'                          87.620   5 ? ? ? ? 
# 
_entity_poly.entity_id                      1 
_entity_poly.type                           polyribonucleotide 
_entity_poly.nstd_linkage                   no 
_entity_poly.nstd_monomer                   no 
_entity_poly.pdbx_seq_one_letter_code       GUGUAUAC 
_entity_poly.pdbx_seq_one_letter_code_can   GUGUAUAC 
_entity_poly.pdbx_strand_id                 A,B 
_entity_poly.pdbx_target_identifier         ? 
# 
loop_
_entity_poly_seq.entity_id 
_entity_poly_seq.num 
_entity_poly_seq.mon_id 
_entity_poly_seq.hetero 
1 1 G n 
1 2 U n 
1 3 G n 
1 4 U n 
1 5 A n 
1 6 U n 
1 7 A n 
1 8 C n 
# 
_pdbx_entity_src_syn.entity_id              1 
_pdbx_entity_src_syn.pdbx_src_id            1 
_pdbx_entity_src_syn.pdbx_alt_source_flag   sample 
_pdbx_entity_src_syn.pdbx_beg_seq_num       ? 
_pdbx_entity_src_syn.pdbx_end_seq_num       ? 
_pdbx_entity_src_syn.organism_scientific    ? 
_pdbx_entity_src_syn.organism_common_name   'synthetic construct' 
_pdbx_entity_src_syn.ncbi_taxonomy_id       32630 
_pdbx_entity_src_syn.details                ? 
# 
_struct_ref.id                         1 
_struct_ref.db_name                    PDB 
_struct_ref.db_code                    4JAB 
_struct_ref.pdbx_db_accession          4JAB 
_struct_ref.entity_id                  1 
_struct_ref.pdbx_align_begin           ? 
_struct_ref.pdbx_seq_one_letter_code   ? 
_struct_ref.pdbx_db_isoform            ? 
# 
loop_
_struct_ref_seq.align_id 
_struct_ref_seq.ref_id 
_struct_ref_seq.pdbx_PDB_id_code 
_struct_ref_seq.pdbx_strand_id 
_struct_ref_seq.seq_align_beg 
_struct_ref_seq.pdbx_seq_align_beg_ins_code 
_struct_ref_seq.seq_align_end 
_struct_ref_seq.pdbx_seq_align_end_ins_code 
_struct_ref_seq.pdbx_db_accession 
_struct_ref_seq.db_align_beg 
_struct_ref_seq.pdbx_db_align_beg_ins_code 
_struct_ref_seq.db_align_end 
_struct_ref_seq.pdbx_db_align_end_ins_code 
_struct_ref_seq.pdbx_auth_seq_align_beg 
_struct_ref_seq.pdbx_auth_seq_align_end 
1 1 4JAB A 1 ? 8 ? 4JAB 1 ? 8  ? 1 8  
2 1 4JAB B 1 ? 8 ? 4JAB 9 ? 16 ? 9 16 
# 
loop_
_chem_comp.id 
_chem_comp.type 
_chem_comp.mon_nstd_flag 
_chem_comp.name 
_chem_comp.pdbx_synonyms 
_chem_comp.formula 
_chem_comp.formula_weight 
A  'RNA linking' y "ADENOSINE-5'-MONOPHOSPHATE" ? 'C10 H14 N5 O7 P' 347.221 
C  'RNA linking' y "CYTIDINE-5'-MONOPHOSPHATE"  ? 'C9 H14 N3 O8 P'  323.197 
G  'RNA linking' y "GUANOSINE-5'-MONOPHOSPHATE" ? 'C10 H14 N5 O8 P' 363.221 
SR non-polymer   . 'STRONTIUM ION'              ? 'Sr 2'            87.620  
U  'RNA linking' y "URIDINE-5'-MONOPHOSPHATE"   ? 'C9 H13 N2 O9 P'  324.181 
# 
_exptl.entry_id          4JAB 
_exptl.method            'X-RAY DIFFRACTION' 
_exptl.crystals_number   1 
# 
_exptl_crystal.id                    1 
_exptl_crystal.density_meas          ? 
_exptl_crystal.density_Matthews      1.98 
_exptl_crystal.density_percent_sol   38.02 
_exptl_crystal.description           ? 
_exptl_crystal.F_000                 ? 
_exptl_crystal.preparation           ? 
# 
_exptl_crystal_grow.crystal_id      1 
_exptl_crystal_grow.method          'VAPOR DIFFUSION, HANGING DROP' 
_exptl_crystal_grow.temp            ? 
_exptl_crystal_grow.temp_details    ? 
_exptl_crystal_grow.pH              ? 
_exptl_crystal_grow.pdbx_pH_range   ? 
_exptl_crystal_grow.pdbx_details    'VAPOR DIFFUSION, HANGING DROP' 
# 
_diffrn.id                     1 
_diffrn.ambient_temp           100 
_diffrn.ambient_temp_details   ? 
_diffrn.crystal_id             1 
# 
_diffrn_detector.diffrn_id              1 
_diffrn_detector.detector               CCD 
_diffrn_detector.type                   'ADSC QUANTUM 315' 
_diffrn_detector.pdbx_collection_date   2012-12-14 
_diffrn_detector.details                ? 
# 
_diffrn_radiation.diffrn_id                        1 
_diffrn_radiation.wavelength_id                    1 
_diffrn_radiation.pdbx_monochromatic_or_laue_m_l   M 
_diffrn_radiation.monochromator                    'Double crystal, Si(111)' 
_diffrn_radiation.pdbx_diffrn_protocol             'SINGLE WAVELENGTH' 
_diffrn_radiation.pdbx_scattering_type             x-ray 
# 
_diffrn_radiation_wavelength.id           1 
_diffrn_radiation_wavelength.wavelength   0.97895 
_diffrn_radiation_wavelength.wt           1.0 
# 
_diffrn_source.diffrn_id                   1 
_diffrn_source.source                      SYNCHROTRON 
_diffrn_source.type                        'ALS BEAMLINE 8.2.2' 
_diffrn_source.pdbx_synchrotron_site       ALS 
_diffrn_source.pdbx_synchrotron_beamline   8.2.2 
_diffrn_source.pdbx_wavelength             ? 
_diffrn_source.pdbx_wavelength_list        0.97895 
# 
_reflns.pdbx_diffrn_id               1 
_reflns.pdbx_ordinal                 1 
_reflns.entry_id                     4JAB 
_reflns.observed_criterion_sigma_I   -3 
_reflns.observed_criterion_sigma_F   2 
_reflns.d_resolution_low             30.93 
_reflns.d_resolution_high            2.23 
_reflns.number_obs                   1723 
_reflns.number_all                   1893 
_reflns.percent_possible_obs         91.02 
_reflns.pdbx_Rmerge_I_obs            0.066 
_reflns.pdbx_Rsym_value              ? 
_reflns.pdbx_netI_over_sigmaI        ? 
_reflns.B_iso_Wilson_estimate        ? 
_reflns.pdbx_redundancy              2.2 
_reflns.R_free_details               ? 
_reflns.pdbx_chi_squared             ? 
_reflns.pdbx_scaling_rejects         ? 
# 
_reflns_shell.pdbx_diffrn_id         1 
_reflns_shell.pdbx_ordinal           1 
_reflns_shell.d_res_high             2.23 
_reflns_shell.d_res_low              2.31 
_reflns_shell.percent_possible_all   90.1 
_reflns_shell.Rmerge_I_obs           0.33 
_reflns_shell.pdbx_Rsym_value        ? 
_reflns_shell.meanI_over_sigI_obs    ? 
_reflns_shell.pdbx_redundancy        2 
_reflns_shell.percent_possible_obs   ? 
_reflns_shell.number_unique_all      ? 
_reflns_shell.number_measured_all    ? 
_reflns_shell.number_measured_obs    ? 
_reflns_shell.number_unique_obs      ? 
_reflns_shell.pdbx_chi_squared       ? 
# 
_refine.pdbx_refine_id                           'X-RAY DIFFRACTION' 
_refine.entry_id                                 4JAB 
_refine.pdbx_diffrn_id                           1 
_refine.pdbx_TLS_residual_ADP_flag               ? 
_refine.ls_number_reflns_obs                     1650 
_refine.ls_number_reflns_all                     1893 
_refine.pdbx_ls_sigma_I                          ? 
_refine.pdbx_ls_sigma_F                          . 
_refine.pdbx_data_cutoff_high_absF               ? 
_refine.pdbx_data_cutoff_low_absF                ? 
_refine.pdbx_data_cutoff_high_rms_absF           ? 
_refine.ls_d_res_low                             30.93 
_refine.ls_d_res_high                            2.23 
_refine.ls_percent_reflns_obs                    91.02 
_refine.ls_R_factor_obs                          0.15648 
_refine.ls_R_factor_all                          ? 
_refine.ls_R_factor_R_work                       0.15250 
_refine.ls_R_factor_R_free                       0.22898 
_refine.ls_R_factor_R_free_error                 ? 
_refine.ls_R_factor_R_free_error_details         ? 
_refine.ls_percent_reflns_R_free                 4.2 
_refine.ls_number_reflns_R_free                  73 
_refine.ls_number_parameters                     ? 
_refine.ls_number_restraints                     ? 
_refine.occupancy_min                            ? 
_refine.occupancy_max                            ? 
_refine.correlation_coeff_Fo_to_Fc               0.981 
_refine.correlation_coeff_Fo_to_Fc_free          0.958 
_refine.B_iso_mean                               32.957 
_refine.aniso_B[1][1]                            -7.33 
_refine.aniso_B[2][2]                            -7.33 
_refine.aniso_B[3][3]                            14.67 
_refine.aniso_B[1][2]                            -0.00 
_refine.aniso_B[1][3]                            -0.00 
_refine.aniso_B[2][3]                            -0.00 
_refine.solvent_model_details                    MASK 
_refine.solvent_model_param_ksol                 ? 
_refine.solvent_model_param_bsol                 ? 
_refine.pdbx_solvent_vdw_probe_radii             1.20 
_refine.pdbx_solvent_ion_probe_radii             0.80 
_refine.pdbx_solvent_shrinkage_radii             0.80 
_refine.pdbx_ls_cross_valid_method               THROUGHOUT 
_refine.details                                  'HYDROGENS HAVE BEEN USED IF PRESENT IN THE INPUT' 
_refine.pdbx_starting_model                      'PDB ENTRY 246D' 
_refine.pdbx_method_to_determine_struct          'MOLECULAR REPLACEMENT' 
_refine.pdbx_isotropic_thermal_model             ? 
_refine.pdbx_stereochemistry_target_values       'MAXIMUM LIKELIHOOD' 
_refine.pdbx_stereochem_target_val_spec_case     ? 
_refine.pdbx_R_Free_selection_details            RANDOM 
_refine.pdbx_overall_ESU_R                       ? 
_refine.pdbx_overall_ESU_R_Free                  0.051 
_refine.overall_SU_ML                            0.222 
_refine.pdbx_overall_phase_error                 ? 
_refine.overall_SU_B                             22.870 
_refine.overall_SU_R_Cruickshank_DPI             ? 
_refine.pdbx_overall_SU_R_free_Cruickshank_DPI   ? 
_refine.pdbx_overall_SU_R_Blow_DPI               ? 
_refine.pdbx_overall_SU_R_free_Blow_DPI          ? 
_refine.ls_redundancy_reflns_obs                 ? 
_refine.overall_SU_R_free                        ? 
_refine.ls_wR_factor_R_free                      ? 
_refine.ls_wR_factor_R_work                      ? 
_refine.overall_FOM_free_R_set                   ? 
_refine.overall_FOM_work_R_set                   ? 
# 
_refine_hist.pdbx_refine_id                   'X-RAY DIFFRACTION' 
_refine_hist.cycle_id                         LAST 
_refine_hist.pdbx_number_atoms_protein        0 
_refine_hist.pdbx_number_atoms_nucleic_acid   334 
_refine_hist.pdbx_number_atoms_ligand         5 
_refine_hist.number_atoms_solvent             0 
_refine_hist.number_atoms_total               339 
_refine_hist.d_res_high                       2.23 
_refine_hist.d_res_low                        30.93 
# 
loop_
_refine_ls_restr.type 
_refine_ls_restr.dev_ideal 
_refine_ls_restr.dev_ideal_target 
_refine_ls_restr.weight 
_refine_ls_restr.number 
_refine_ls_restr.pdbx_refine_id 
_refine_ls_restr.pdbx_restraint_function 
r_bond_refined_d             0.009  0.011 ? 372 'X-RAY DIFFRACTION' ? 
r_bond_other_d               ?      ?     ? ?   'X-RAY DIFFRACTION' ? 
r_angle_refined_deg          2.093  1.452 ? 576 'X-RAY DIFFRACTION' ? 
r_angle_other_deg            ?      ?     ? ?   'X-RAY DIFFRACTION' ? 
r_dihedral_angle_1_deg       ?      ?     ? ?   'X-RAY DIFFRACTION' ? 
r_dihedral_angle_2_deg       ?      ?     ? ?   'X-RAY DIFFRACTION' ? 
r_dihedral_angle_3_deg       ?      ?     ? ?   'X-RAY DIFFRACTION' ? 
r_dihedral_angle_4_deg       ?      ?     ? ?   'X-RAY DIFFRACTION' ? 
r_chiral_restr               0.111  0.200 ? 64  'X-RAY DIFFRACTION' ? 
r_gen_planes_refined         0.012  0.020 ? 164 'X-RAY DIFFRACTION' ? 
r_gen_planes_other           ?      ?     ? ?   'X-RAY DIFFRACTION' ? 
r_nbd_refined                ?      ?     ? ?   'X-RAY DIFFRACTION' ? 
r_nbd_other                  ?      ?     ? ?   'X-RAY DIFFRACTION' ? 
r_nbtor_refined              ?      ?     ? ?   'X-RAY DIFFRACTION' ? 
r_nbtor_other                ?      ?     ? ?   'X-RAY DIFFRACTION' ? 
r_xyhbond_nbd_refined        ?      ?     ? ?   'X-RAY DIFFRACTION' ? 
r_xyhbond_nbd_other          ?      ?     ? ?   'X-RAY DIFFRACTION' ? 
r_metal_ion_refined          ?      ?     ? ?   'X-RAY DIFFRACTION' ? 
r_metal_ion_other            ?      ?     ? ?   'X-RAY DIFFRACTION' ? 
r_symmetry_vdw_refined       ?      ?     ? ?   'X-RAY DIFFRACTION' ? 
r_symmetry_vdw_other         ?      ?     ? ?   'X-RAY DIFFRACTION' ? 
r_symmetry_hbond_refined     ?      ?     ? ?   'X-RAY DIFFRACTION' ? 
r_symmetry_hbond_other       ?      ?     ? ?   'X-RAY DIFFRACTION' ? 
r_symmetry_metal_ion_refined ?      ?     ? ?   'X-RAY DIFFRACTION' ? 
r_symmetry_metal_ion_other   ?      ?     ? ?   'X-RAY DIFFRACTION' ? 
r_mcbond_it                  ?      ?     ? ?   'X-RAY DIFFRACTION' ? 
r_mcbond_other               ?      ?     ? ?   'X-RAY DIFFRACTION' ? 
r_mcangle_it                 ?      ?     ? ?   'X-RAY DIFFRACTION' ? 
r_scbond_it                  ?      ?     ? ?   'X-RAY DIFFRACTION' ? 
r_scangle_it                 ?      ?     ? ?   'X-RAY DIFFRACTION' ? 
r_rigid_bond_restr           6.192  3.000 ? 372 'X-RAY DIFFRACTION' ? 
r_sphericity_free            68.134 5.000 ? 3   'X-RAY DIFFRACTION' ? 
r_sphericity_bonded          41.320 5.000 ? 336 'X-RAY DIFFRACTION' ? 
# 
_refine_ls_shell.pdbx_refine_id                   'X-RAY DIFFRACTION' 
_refine_ls_shell.pdbx_total_number_of_bins_used   20 
_refine_ls_shell.d_res_high                       2.230 
_refine_ls_shell.d_res_low                        2.288 
_refine_ls_shell.number_reflns_R_work             112 
_refine_ls_shell.R_factor_R_work                  0.340 
_refine_ls_shell.percent_reflns_obs               90.70 
_refine_ls_shell.R_factor_R_free                  0.561 
_refine_ls_shell.R_factor_R_free_error            ? 
_refine_ls_shell.percent_reflns_R_free            ? 
_refine_ls_shell.number_reflns_R_free             5 
_refine_ls_shell.number_reflns_all                ? 
_refine_ls_shell.R_factor_all                     ? 
_refine_ls_shell.redundancy_reflns_obs            ? 
_refine_ls_shell.number_reflns_obs                ? 
# 
_struct.entry_id                  4JAB 
_struct.title                     'U/G Wobble Base Pair in a RNA Duplex' 
_struct.pdbx_model_details        ? 
_struct.pdbx_CASP_flag            ? 
_struct.pdbx_model_type_details   ? 
# 
_struct_keywords.entry_id        4JAB 
_struct_keywords.pdbx_keywords   RNA 
_struct_keywords.text            'U/G wobble pair, RNA' 
# 
loop_
_struct_asym.id 
_struct_asym.pdbx_blank_PDB_chainid_flag 
_struct_asym.pdbx_modified 
_struct_asym.entity_id 
_struct_asym.details 
A N N 1 ? 
B N N 1 ? 
C N N 2 ? 
D N N 2 ? 
E N N 2 ? 
F N N 2 ? 
G N N 2 ? 
# 
_struct_biol.id        1 
_struct_biol.details   ? 
# 
loop_
_struct_conn.id 
_struct_conn.conn_type_id 
_struct_conn.pdbx_leaving_atom_flag 
_struct_conn.pdbx_PDB_id 
_struct_conn.ptnr1_label_asym_id 
_struct_conn.ptnr1_label_comp_id 
_struct_conn.ptnr1_label_seq_id 
_struct_conn.ptnr1_label_atom_id 
_struct_conn.pdbx_ptnr1_label_alt_id 
_struct_conn.pdbx_ptnr1_PDB_ins_code 
_struct_conn.pdbx_ptnr1_standard_comp_id 
_struct_conn.ptnr1_symmetry 
_struct_conn.ptnr2_label_asym_id 
_struct_conn.ptnr2_label_comp_id 
_struct_conn.ptnr2_label_seq_id 
_struct_conn.ptnr2_label_atom_id 
_struct_conn.pdbx_ptnr2_label_alt_id 
_struct_conn.pdbx_ptnr2_PDB_ins_code 
_struct_conn.ptnr1_auth_asym_id 
_struct_conn.ptnr1_auth_comp_id 
_struct_conn.ptnr1_auth_seq_id 
_struct_conn.ptnr2_auth_asym_id 
_struct_conn.ptnr2_auth_comp_id 
_struct_conn.ptnr2_auth_seq_id 
_struct_conn.ptnr2_symmetry 
_struct_conn.pdbx_ptnr3_label_atom_id 
_struct_conn.pdbx_ptnr3_label_seq_id 
_struct_conn.pdbx_ptnr3_label_comp_id 
_struct_conn.pdbx_ptnr3_label_asym_id 
_struct_conn.pdbx_ptnr3_label_alt_id 
_struct_conn.pdbx_ptnr3_PDB_ins_code 
_struct_conn.details 
_struct_conn.pdbx_dist_value 
_struct_conn.pdbx_value_order 
_struct_conn.pdbx_role 
metalc1  metalc ? ? A U 6 O4    ? ? ? 1_555 D SR . SR ? ? A U 6  A SR 102 1_555 ? ? ? ? ? ? ?             2.741 ? ? 
metalc2  metalc ? ? A C 8 "O2'" ? ? ? 1_555 E SR . SR ? ? A C 8  A SR 103 1_555 ? ? ? ? ? ? ?             2.330 ? ? 
metalc3  metalc ? ? A C 8 "O3'" ? ? ? 1_555 E SR . SR ? ? A C 8  A SR 103 1_555 ? ? ? ? ? ? ?             2.609 ? ? 
metalc4  metalc ? ? A C 8 "O3'" ? ? ? 1_555 E SR . SR ? ? A C 8  A SR 103 2_545 ? ? ? ? ? ? ?             1.992 ? ? 
metalc5  metalc ? ? B U 6 O4    ? ? ? 1_555 G SR . SR ? ? B U 14 B SR 101 1_555 ? ? ? ? ? ? ?             2.467 ? ? 
hydrog1  hydrog ? ? A G 1 O6    ? ? ? 1_555 B A  7 N6 ? ? A G 1  B A  15  1_555 ? ? ? ? ? ? 'G-A MISPAIR' ?     ? ? 
hydrog2  hydrog ? ? A G 1 N1    ? ? ? 1_555 B C  8 N3 ? ? A G 1  B C  16  1_555 ? ? ? ? ? ? 'G-C PAIR'    ?     ? ? 
hydrog3  hydrog ? ? A U 2 N3    ? ? ? 1_555 B A  7 N1 ? ? A U 2  B A  15  1_555 ? ? ? ? ? ? WATSON-CRICK  ?     ? ? 
hydrog4  hydrog ? ? A U 2 O4    ? ? ? 1_555 B A  7 N6 ? ? A U 2  B A  15  1_555 ? ? ? ? ? ? WATSON-CRICK  ?     ? ? 
hydrog5  hydrog ? ? A G 3 N1    ? ? ? 1_555 B U  6 O2 ? ? A G 3  B U  14  1_555 ? ? ? ? ? ? TYPE_28_PAIR  ?     ? ? 
hydrog6  hydrog ? ? A G 3 O6    ? ? ? 1_555 B U  6 N3 ? ? A G 3  B U  14  1_555 ? ? ? ? ? ? TYPE_28_PAIR  ?     ? ? 
hydrog7  hydrog ? ? A U 4 N3    ? ? ? 1_555 B A  5 N1 ? ? A U 4  B A  13  1_555 ? ? ? ? ? ? WATSON-CRICK  ?     ? ? 
hydrog8  hydrog ? ? A U 4 O4    ? ? ? 1_555 B A  5 N6 ? ? A U 4  B A  13  1_555 ? ? ? ? ? ? WATSON-CRICK  ?     ? ? 
hydrog9  hydrog ? ? A A 5 N6    ? ? ? 1_555 B G  3 O6 ? ? A A 5  B G  11  1_555 ? ? ? ? ? ? 'A-G MISPAIR' ?     ? ? 
hydrog10 hydrog ? ? A A 5 N1    ? ? ? 1_555 B U  4 N3 ? ? A A 5  B U  12  1_555 ? ? ? ? ? ? WATSON-CRICK  ?     ? ? 
hydrog11 hydrog ? ? A A 5 N6    ? ? ? 1_555 B U  4 O4 ? ? A A 5  B U  12  1_555 ? ? ? ? ? ? WATSON-CRICK  ?     ? ? 
hydrog12 hydrog ? ? A U 6 N3    ? ? ? 1_555 B G  3 O6 ? ? A U 6  B G  11  1_555 ? ? ? ? ? ? TYPE_28_PAIR  ?     ? ? 
hydrog13 hydrog ? ? A U 6 O2    ? ? ? 1_555 B G  3 N1 ? ? A U 6  B G  11  1_555 ? ? ? ? ? ? TYPE_28_PAIR  ?     ? ? 
hydrog14 hydrog ? ? A A 7 N1    ? ? ? 1_555 B U  2 N3 ? ? A A 7  B U  10  1_555 ? ? ? ? ? ? WATSON-CRICK  ?     ? ? 
hydrog15 hydrog ? ? A A 7 N6    ? ? ? 1_555 B U  2 O4 ? ? A A 7  B U  10  1_555 ? ? ? ? ? ? WATSON-CRICK  ?     ? ? 
hydrog16 hydrog ? ? A C 8 N3    ? ? ? 1_555 B G  1 N1 ? ? A C 8  B G  9   1_555 ? ? ? ? ? ? WATSON-CRICK  ?     ? ? 
hydrog17 hydrog ? ? A C 8 N4    ? ? ? 1_555 B G  1 O6 ? ? A C 8  B G  9   1_555 ? ? ? ? ? ? WATSON-CRICK  ?     ? ? 
hydrog18 hydrog ? ? A C 8 O2    ? ? ? 1_555 B G  1 N2 ? ? A C 8  B G  9   1_555 ? ? ? ? ? ? WATSON-CRICK  ?     ? ? 
# 
loop_
_struct_conn_type.id 
_struct_conn_type.criteria 
_struct_conn_type.reference 
metalc ? ? 
hydrog ? ? 
# 
loop_
_struct_site.id 
_struct_site.pdbx_evidence_code 
_struct_site.pdbx_auth_asym_id 
_struct_site.pdbx_auth_comp_id 
_struct_site.pdbx_auth_seq_id 
_struct_site.pdbx_auth_ins_code 
_struct_site.pdbx_num_residues 
_struct_site.details 
AC1 Software A SR 101 ? 1 'BINDING SITE FOR RESIDUE SR A 101' 
AC2 Software A SR 102 ? 1 'BINDING SITE FOR RESIDUE SR A 102' 
AC3 Software A SR 103 ? 3 'BINDING SITE FOR RESIDUE SR A 103' 
AC4 Software B SR 101 ? 1 'BINDING SITE FOR RESIDUE SR B 101' 
# 
loop_
_struct_site_gen.id 
_struct_site_gen.site_id 
_struct_site_gen.pdbx_num_res 
_struct_site_gen.label_comp_id 
_struct_site_gen.label_asym_id 
_struct_site_gen.label_seq_id 
_struct_site_gen.pdbx_auth_ins_code 
_struct_site_gen.auth_comp_id 
_struct_site_gen.auth_asym_id 
_struct_site_gen.auth_seq_id 
_struct_site_gen.label_atom_id 
_struct_site_gen.label_alt_id 
_struct_site_gen.symmetry 
_struct_site_gen.details 
1 AC1 1 U A 4 ? U A 4  . ? 1_555 ? 
2 AC2 1 U A 6 ? U A 6  . ? 1_555 ? 
3 AC3 3 C A 8 ? C A 8  . ? 1_555 ? 
4 AC3 3 C A 8 ? C A 8  . ? 2_545 ? 
5 AC3 3 C A 8 ? C A 8  . ? 3_655 ? 
6 AC4 1 U B 6 ? U B 14 . ? 1_555 ? 
# 
_atom_sites.entry_id                    4JAB 
_atom_sites.fract_transf_matrix[1][1]   0.00865578 
_atom_sites.fract_transf_matrix[1][2]   0.00701241 
_atom_sites.fract_transf_matrix[1][3]   -0.02536528 
_atom_sites.fract_transf_matrix[2][1]   0.01962564 
_atom_sites.fract_transf_matrix[2][2]   0.01930585 
_atom_sites.fract_transf_matrix[2][3]   -0.00309423 
_atom_sites.fract_transf_matrix[3][1]   0.01173292 
_atom_sites.fract_transf_matrix[3][2]   -0.01180880 
_atom_sites.fract_transf_matrix[3][3]   0.00073918 
_atom_sites.fract_transf_vector[1]      0.275298 
_atom_sites.fract_transf_vector[2]      -0.070071 
_atom_sites.fract_transf_vector[3]      -0.032311 
# 
loop_
_atom_type.symbol 
C  
N  
O  
P  
SR 
# 
loop_
_atom_site.group_PDB 
_atom_site.id 
_atom_site.type_symbol 
_atom_site.label_atom_id 
_atom_site.label_alt_id 
_atom_site.label_comp_id 
_atom_site.label_asym_id 
_atom_site.label_entity_id 
_atom_site.label_seq_id 
_atom_site.pdbx_PDB_ins_code 
_atom_site.Cartn_x 
_atom_site.Cartn_y 
_atom_site.Cartn_z 
_atom_site.occupancy 
_atom_site.B_iso_or_equiv 
_atom_site.pdbx_formal_charge 
_atom_site.auth_seq_id 
_atom_site.auth_comp_id 
_atom_site.auth_asym_id 
_atom_site.auth_atom_id 
_atom_site.pdbx_PDB_model_num 
ATOM   1   O  "O5'" . G  A 1 1 ? 1.050   8.956   -10.046 1.00 180.06 ? 1   G  A "O5'" 1 
ATOM   2   C  "C5'" . G  A 1 1 ? 1.320   8.567   -8.587  1.00 25.61  ? 1   G  A "C5'" 1 
ATOM   3   C  "C4'" . G  A 1 1 ? 2.054   9.682   -7.882  1.00 23.04  ? 1   G  A "C4'" 1 
ATOM   4   O  "O4'" . G  A 1 1 ? 1.101   10.668  -7.422  1.00 35.39  ? 1   G  A "O4'" 1 
ATOM   5   C  "C3'" . G  A 1 1 ? 2.828   9.247   -6.659  1.00 28.79  ? 1   G  A "C3'" 1 
ATOM   6   O  "O3'" . G  A 1 1 ? 4.165   9.269   -7.097  1.00 50.21  ? 1   G  A "O3'" 1 
ATOM   7   C  "C2'" . G  A 1 1 ? 2.661   10.403  -5.679  1.00 24.17  ? 1   G  A "C2'" 1 
ATOM   8   O  "O2'" . G  A 1 1 ? 3.671   11.383  -5.609  1.00 36.12  ? 1   G  A "O2'" 1 
ATOM   9   C  "C1'" . G  A 1 1 ? 1.295   10.942  -6.052  1.00 22.82  ? 1   G  A "C1'" 1 
ATOM   10  N  N9    . G  A 1 1 ? 0.249   10.261  -5.300  1.00 20.98  ? 1   G  A N9    1 
ATOM   11  C  C8    . G  A 1 1 ? -0.630  9.301   -5.745  1.00 30.14  ? 1   G  A C8    1 
ATOM   12  N  N7    . G  A 1 1 ? -1.436  8.870   -4.810  1.00 29.62  ? 1   G  A N7    1 
ATOM   13  C  C5    . G  A 1 1 ? -1.064  9.589   -3.681  1.00 22.64  ? 1   G  A C5    1 
ATOM   14  C  C6    . G  A 1 1 ? -1.589  9.569   -2.357  1.00 21.11  ? 1   G  A C6    1 
ATOM   15  O  O6    . G  A 1 1 ? -2.508  8.871   -1.892  1.00 38.01  ? 1   G  A O6    1 
ATOM   16  N  N1    . G  A 1 1 ? -0.903  10.452  -1.528  1.00 15.66  ? 1   G  A N1    1 
ATOM   17  C  C2    . G  A 1 1 ? 0.117   11.276  -1.924  1.00 15.53  ? 1   G  A C2    1 
ATOM   18  N  N2    . G  A 1 1 ? 0.628   12.070  -0.982  1.00 24.39  ? 1   G  A N2    1 
ATOM   19  N  N3    . G  A 1 1 ? 0.589   11.329  -3.156  1.00 20.61  ? 1   G  A N3    1 
ATOM   20  C  C4    . G  A 1 1 ? -0.022  10.446  -3.969  1.00 18.45  ? 1   G  A C4    1 
ATOM   21  P  P     . U  A 1 2 ? 5.145   8.191   -6.493  1.00 42.49  ? 2   U  A P     1 
ATOM   22  O  OP1   . U  A 1 2 ? 6.356   8.429   -7.298  1.00 49.59  ? 2   U  A OP1   1 
ATOM   23  O  OP2   . U  A 1 2 ? 4.453   6.884   -6.511  1.00 39.59  ? 2   U  A OP2   1 
ATOM   24  O  "O5'" . U  A 1 2 ? 5.388   8.528   -4.959  1.00 40.40  ? 2   U  A "O5'" 1 
ATOM   25  C  "C5'" . U  A 1 2 ? 6.311   9.539   -4.543  1.00 32.79  ? 2   U  A "C5'" 1 
ATOM   26  C  "C4'" . U  A 1 2 ? 6.091   9.783   -3.080  1.00 32.78  ? 2   U  A "C4'" 1 
ATOM   27  O  "O4'" . U  A 1 2 ? 4.677   10.051  -2.889  1.00 33.00  ? 2   U  A "O4'" 1 
ATOM   28  C  "C3'" . U  A 1 2 ? 6.300   8.571   -2.182  1.00 39.41  ? 2   U  A "C3'" 1 
ATOM   29  O  "O3'" . U  A 1 2 ? 7.640   8.167   -1.862  1.00 62.23  ? 2   U  A "O3'" 1 
ATOM   30  C  "C2'" . U  A 1 2 ? 5.526   8.982   -0.938  1.00 35.29  ? 2   U  A "C2'" 1 
ATOM   31  O  "O2'" . U  A 1 2 ? 6.406   9.769   -0.148  1.00 36.09  ? 2   U  A "O2'" 1 
ATOM   32  C  "C1'" . U  A 1 2 ? 4.306   9.686   -1.561  1.00 29.51  ? 2   U  A "C1'" 1 
ATOM   33  N  N1    . U  A 1 2 ? 3.061   8.886   -1.606  1.00 22.93  ? 2   U  A N1    1 
ATOM   34  C  C2    . U  A 1 2 ? 2.263   8.872   -0.473  1.00 25.01  ? 2   U  A C2    1 
ATOM   35  O  O2    . U  A 1 2 ? 2.552   9.477   0.546   1.00 37.11  ? 2   U  A O2    1 
ATOM   36  N  N3    . U  A 1 2 ? 1.130   8.101   -0.568  1.00 25.76  ? 2   U  A N3    1 
ATOM   37  C  C4    . U  A 1 2 ? 0.706   7.362   -1.653  1.00 24.76  ? 2   U  A C4    1 
ATOM   38  O  O4    . U  A 1 2 ? -0.343  6.710   -1.575  1.00 36.06  ? 2   U  A O4    1 
ATOM   39  C  C5    . U  A 1 2 ? 1.577   7.429   -2.790  1.00 38.72  ? 2   U  A C5    1 
ATOM   40  C  C6    . U  A 1 2 ? 2.698   8.174   -2.731  1.00 26.85  ? 2   U  A C6    1 
ATOM   41  P  P     . G  A 1 3 ? 7.847   6.614   -1.448  1.00 56.32  ? 3   G  A P     1 
ATOM   42  O  OP1   . G  A 1 3 ? 9.274   6.382   -1.130  1.00 56.09  ? 3   G  A OP1   1 
ATOM   43  O  OP2   . G  A 1 3 ? 7.140   5.693   -2.396  1.00 47.53  ? 3   G  A OP2   1 
ATOM   44  O  "O5'" . G  A 1 3 ? 7.147   6.545   -0.023  1.00 41.35  ? 3   G  A "O5'" 1 
ATOM   45  C  "C5'" . G  A 1 3 ? 7.926   6.769   1.160   1.00 39.54  ? 3   G  A "C5'" 1 
ATOM   46  C  "C4'" . G  A 1 3 ? 7.027   6.813   2.360   1.00 39.26  ? 3   G  A "C4'" 1 
ATOM   47  O  "O4'" . G  A 1 3 ? 5.768   7.456   2.013   1.00 43.49  ? 3   G  A "O4'" 1 
ATOM   48  C  "C3'" . G  A 1 3 ? 6.570   5.473   2.898   1.00 35.77  ? 3   G  A "C3'" 1 
ATOM   49  O  "O3'" . G  A 1 3 ? 7.577   4.839   3.660   1.00 41.77  ? 3   G  A "O3'" 1 
ATOM   50  C  "C2'" . G  A 1 3 ? 5.380   5.899   3.743   1.00 32.91  ? 3   G  A "C2'" 1 
ATOM   51  O  "O2'" . G  A 1 3 ? 5.846   6.503   4.935   1.00 36.80  ? 3   G  A "O2'" 1 
ATOM   52  C  "C1'" . G  A 1 3 ? 4.717   6.910   2.807   1.00 38.38  ? 3   G  A "C1'" 1 
ATOM   53  N  N9    . G  A 1 3 ? 3.731   6.307   1.909   1.00 28.65  ? 3   G  A N9    1 
ATOM   54  C  C8    . G  A 1 3 ? 3.859   6.100   0.556   1.00 35.94  ? 3   G  A C8    1 
ATOM   55  N  N7    . G  A 1 3 ? 2.808   5.537   0.021   1.00 33.96  ? 3   G  A N7    1 
ATOM   56  C  C5    . G  A 1 3 ? 1.930   5.374   1.082   1.00 31.07  ? 3   G  A C5    1 
ATOM   57  C  C6    . G  A 1 3 ? 0.626   4.815   1.116   1.00 33.62  ? 3   G  A C6    1 
ATOM   58  O  O6    . G  A 1 3 ? -0.039  4.348   0.178   1.00 51.12  ? 3   G  A O6    1 
ATOM   59  N  N1    . G  A 1 3 ? 0.099   4.833   2.404   1.00 28.40  ? 3   G  A N1    1 
ATOM   60  C  C2    . G  A 1 3 ? 0.745   5.326   3.517   1.00 28.43  ? 3   G  A C2    1 
ATOM   61  N  N2    . G  A 1 3 ? 0.081   5.239   4.685   1.00 30.90  ? 3   G  A N2    1 
ATOM   62  N  N3    . G  A 1 3 ? 1.949   5.874   3.491   1.00 29.42  ? 3   G  A N3    1 
ATOM   63  C  C4    . G  A 1 3 ? 2.484   5.853   2.254   1.00 26.86  ? 3   G  A C4    1 
ATOM   64  P  P     . U  A 1 4 ? 7.696   3.308   3.319   1.00 36.78  ? 4   U  A P     1 
ATOM   65  O  OP1   . U  A 1 4 ? 8.990   2.771   3.767   1.00 45.48  ? 4   U  A OP1   1 
ATOM   66  O  OP2   . U  A 1 4 ? 7.233   3.084   1.935   1.00 47.11  ? 4   U  A OP2   1 
ATOM   67  O  "O5'" . U  A 1 4 ? 6.647   2.690   4.327   1.00 40.25  ? 4   U  A "O5'" 1 
ATOM   68  C  "C5'" . U  A 1 4 ? 6.832   2.820   5.738   1.00 35.27  ? 4   U  A "C5'" 1 
ATOM   69  C  "C4'" . U  A 1 4 ? 5.490   2.644   6.386   1.00 38.17  ? 4   U  A "C4'" 1 
ATOM   70  O  "O4'" . U  A 1 4 ? 4.512   3.411   5.631   1.00 34.62  ? 4   U  A "O4'" 1 
ATOM   71  C  "C3'" . U  A 1 4 ? 4.944   1.233   6.295   1.00 37.38  ? 4   U  A "C3'" 1 
ATOM   72  O  "O3'" . U  A 1 4 ? 5.488   0.416   7.313   1.00 48.21  ? 4   U  A "O3'" 1 
ATOM   73  C  "C2'" . U  A 1 4 ? 3.458   1.477   6.489   1.00 27.68  ? 4   U  A "C2'" 1 
ATOM   74  O  "O2'" . U  A 1 4 ? 3.293   1.735   7.876   1.00 48.89  ? 4   U  A "O2'" 1 
ATOM   75  C  "C1'" . U  A 1 4 ? 3.266   2.731   5.638   1.00 22.75  ? 4   U  A "C1'" 1 
ATOM   76  N  N1    . U  A 1 4 ? 2.890   2.463   4.247   1.00 13.65  ? 4   U  A N1    1 
ATOM   77  C  C2    . U  A 1 4 ? 1.620   1.996   4.021   1.00 16.62  ? 4   U  A C2    1 
ATOM   78  O  O2    . U  A 1 4 ? 0.835   1.771   4.920   1.00 33.97  ? 4   U  A O2    1 
ATOM   79  N  N3    . U  A 1 4 ? 1.306   1.782   2.703   1.00 13.70  ? 4   U  A N3    1 
ATOM   80  C  C4    . U  A 1 4 ? 2.115   1.982   1.608   1.00 20.41  ? 4   U  A C4    1 
ATOM   81  O  O4    . U  A 1 4 ? 1.679   1.747   0.474   1.00 26.41  ? 4   U  A O4    1 
ATOM   82  C  C5    . U  A 1 4 ? 3.424   2.459   1.923   1.00 19.16  ? 4   U  A C5    1 
ATOM   83  C  C6    . U  A 1 4 ? 3.749   2.705   3.202   1.00 17.59  ? 4   U  A C6    1 
ATOM   84  P  P     . A  A 1 5 ? 5.808   -1.052  6.838   1.00 41.43  ? 5   A  A P     1 
ATOM   85  O  OP1   . A  A 1 5 ? 6.657   -1.637  7.884   1.00 38.07  ? 5   A  A OP1   1 
ATOM   86  O  OP2   . A  A 1 5 ? 6.271   -1.008  5.430   1.00 34.43  ? 5   A  A OP2   1 
ATOM   87  O  "O5'" . A  A 1 5 ? 4.352   -1.686  6.939   1.00 43.91  ? 5   A  A "O5'" 1 
ATOM   88  C  "C5'" . A  A 1 5 ? 3.691   -1.817  8.216   1.00 42.05  ? 5   A  A "C5'" 1 
ATOM   89  C  "C4'" . A  A 1 5 ? 2.250   -2.225  8.006   1.00 37.52  ? 5   A  A "C4'" 1 
ATOM   90  O  "O4'" . A  A 1 5 ? 1.606   -1.290  7.101   1.00 37.31  ? 5   A  A "O4'" 1 
ATOM   91  C  "C3'" . A  A 1 5 ? 2.026   -3.571  7.335   1.00 34.68  ? 5   A  A "C3'" 1 
ATOM   92  O  "O3'" . A  A 1 5 ? 2.043   -4.574  8.322   1.00 44.67  ? 5   A  A "O3'" 1 
ATOM   93  C  "C2'" . A  A 1 5 ? 0.615   -3.411  6.799   1.00 30.36  ? 5   A  A "C2'" 1 
ATOM   94  O  "O2'" . A  A 1 5 ? -0.335  -3.530  7.836   1.00 35.31  ? 5   A  A "O2'" 1 
ATOM   95  C  "C1'" . A  A 1 5 ? 0.660   -1.972  6.295   1.00 28.07  ? 5   A  A "C1'" 1 
ATOM   96  N  N9    . A  A 1 5 ? 1.057   -1.826  4.890   1.00 31.57  ? 5   A  A N9    1 
ATOM   97  C  C8    . A  A 1 5 ? 2.273   -1.440  4.374   1.00 30.11  ? 5   A  A C8    1 
ATOM   98  N  N7    . A  A 1 5 ? 2.308   -1.420  3.061   1.00 31.76  ? 5   A  A N7    1 
ATOM   99  C  C5    . A  A 1 5 ? 1.021   -1.789  2.686   1.00 31.34  ? 5   A  A C5    1 
ATOM   100 C  C6    . A  A 1 5 ? 0.397   -1.943  1.424   1.00 28.86  ? 5   A  A C6    1 
ATOM   101 N  N6    . A  A 1 5 ? 1.003   -1.713  0.251   1.00 41.11  ? 5   A  A N6    1 
ATOM   102 N  N1    . A  A 1 5 ? -0.896  -2.331  1.411   1.00 33.41  ? 5   A  A N1    1 
ATOM   103 C  C2    . A  A 1 5 ? -1.511  -2.559  2.581   1.00 22.67  ? 5   A  A C2    1 
ATOM   104 N  N3    . A  A 1 5 ? -1.047  -2.435  3.817   1.00 21.69  ? 5   A  A N3    1 
ATOM   105 C  C4    . A  A 1 5 ? 0.241   -2.044  3.804   1.00 23.46  ? 5   A  A C4    1 
ATOM   106 P  P     . U  A 1 6 ? 2.495   -6.069  7.994   1.00 46.63  ? 6   U  A P     1 
ATOM   107 O  OP1   . U  A 1 6 ? 2.338   -6.731  9.314   1.00 60.82  ? 6   U  A OP1   1 
ATOM   108 O  OP2   . U  A 1 6 ? 3.799   -6.100  7.272   1.00 41.59  ? 6   U  A OP2   1 
ATOM   109 O  "O5'" . U  A 1 6 ? 1.421   -6.618  6.958   1.00 38.23  ? 6   U  A "O5'" 1 
ATOM   110 C  "C5'" . U  A 1 6 ? 0.166   -7.183  7.382   1.00 30.05  ? 6   U  A "C5'" 1 
ATOM   111 C  "C4'" . U  A 1 6 ? -0.684  -7.373  6.161   1.00 25.04  ? 6   U  A "C4'" 1 
ATOM   112 O  "O4'" . U  A 1 6 ? -0.607  -6.159  5.367   1.00 31.47  ? 6   U  A "O4'" 1 
ATOM   113 C  "C3'" . U  A 1 6 ? -0.178  -8.424  5.196   1.00 29.68  ? 6   U  A "C3'" 1 
ATOM   114 O  "O3'" . U  A 1 6 ? -0.508  -9.743  5.622   1.00 35.86  ? 6   U  A "O3'" 1 
ATOM   115 C  "C2'" . U  A 1 6 ? -0.842  -7.998  3.890   1.00 23.87  ? 6   U  A "C2'" 1 
ATOM   116 O  "O2'" . U  A 1 6 ? -2.148  -8.548  3.824   1.00 29.03  ? 6   U  A "O2'" 1 
ATOM   117 C  "C1'" . U  A 1 6 ? -0.797  -6.467  4.003   1.00 21.97  ? 6   U  A "C1'" 1 
ATOM   118 N  N1    . U  A 1 6 ? 0.299   -5.832  3.261   1.00 19.98  ? 6   U  A N1    1 
ATOM   119 C  C2    . U  A 1 6 ? 0.121   -5.633  1.906   1.00 23.58  ? 6   U  A C2    1 
ATOM   120 O  O2    . U  A 1 6 ? -0.905  -5.949  1.319   1.00 23.78  ? 6   U  A O2    1 
ATOM   121 N  N3    . U  A 1 6 ? 1.194   -5.063  1.264   1.00 24.40  ? 6   U  A N3    1 
ATOM   122 C  C4    . U  A 1 6 ? 2.400   -4.691  1.820   1.00 20.80  ? 6   U  A C4    1 
ATOM   123 O  O4    . U  A 1 6 ? 3.268   -4.178  1.107   1.00 31.69  ? 6   U  A O4    1 
ATOM   124 C  C5    . U  A 1 6 ? 2.500   -4.923  3.226   1.00 18.58  ? 6   U  A C5    1 
ATOM   125 C  C6    . U  A 1 6 ? 1.467   -5.459  3.886   1.00 20.23  ? 6   U  A C6    1 
ATOM   126 P  P     . A  A 1 7 ? 0.444   -10.850 4.977   1.00 33.76  ? 7   A  A P     1 
ATOM   127 O  OP1   . A  A 1 7 ? 0.332   -12.073 5.768   1.00 41.10  ? 7   A  A OP1   1 
ATOM   128 O  OP2   . A  A 1 7 ? 1.755   -10.221 4.745   1.00 27.37  ? 7   A  A OP2   1 
ATOM   129 O  "O5'" . A  A 1 7 ? -0.281  -11.096 3.581   1.00 38.19  ? 7   A  A "O5'" 1 
ATOM   130 C  "C5'" . A  A 1 7 ? -1.502  -11.851 3.513   1.00 30.18  ? 7   A  A "C5'" 1 
ATOM   131 C  "C4'" . A  A 1 7 ? -1.846  -12.172 2.068   1.00 30.36  ? 7   A  A "C4'" 1 
ATOM   132 O  "O4'" . A  A 1 7 ? -2.150  -10.950 1.353   1.00 23.05  ? 7   A  A "O4'" 1 
ATOM   133 C  "C3'" . A  A 1 7 ? -0.759  -12.826 1.218   1.00 29.84  ? 7   A  A "C3'" 1 
ATOM   134 O  "O3'" . A  A 1 7 ? -0.754  -14.237 1.404   1.00 35.12  ? 7   A  A "O3'" 1 
ATOM   135 C  "C2'" . A  A 1 7 ? -1.222  -12.455 -0.181  1.00 23.66  ? 7   A  A "C2'" 1 
ATOM   136 O  "O2'" . A  A 1 7 ? -2.408  -13.169 -0.506  1.00 38.34  ? 7   A  A "O2'" 1 
ATOM   137 C  "C1'" . A  A 1 7 ? -1.617  -11.001 0.038   1.00 17.81  ? 7   A  A "C1'" 1 
ATOM   138 N  N9    . A  A 1 7 ? -0.515  -10.049 -0.015  1.00 17.53  ? 7   A  A N9    1 
ATOM   139 C  C8    . A  A 1 7 ? 0.323   -9.697  1.012   1.00 24.99  ? 7   A  A C8    1 
ATOM   140 N  N7    . A  A 1 7 ? 1.168   -8.743  0.706   1.00 24.28  ? 7   A  A N7    1 
ATOM   141 C  C5    . A  A 1 7 ? 0.886   -8.469  -0.627  1.00 14.25  ? 7   A  A C5    1 
ATOM   142 C  C6    . A  A 1 7 ? 1.449   -7.568  -1.546  1.00 10.25  ? 7   A  A C6    1 
ATOM   143 N  N6    . A  A 1 7 ? 2.486   -6.772  -1.267  1.00 12.42  ? 7   A  A N6    1 
ATOM   144 N  N1    . A  A 1 7 ? 0.942   -7.549  -2.797  1.00 14.16  ? 7   A  A N1    1 
ATOM   145 C  C2    . A  A 1 7 ? -0.082  -8.363  -3.087  1.00 18.40  ? 7   A  A C2    1 
ATOM   146 N  N3    . A  A 1 7 ? -0.717  -9.232  -2.301  1.00 21.19  ? 7   A  A N3    1 
ATOM   147 C  C4    . A  A 1 7 ? -0.163  -9.250  -1.075  1.00 14.58  ? 7   A  A C4    1 
ATOM   148 P  P     . C  A 1 8 ? 0.607   -14.983 1.162   1.00 32.63  ? 8   C  A P     1 
ATOM   149 O  OP1   . C  A 1 8 ? 0.293   -16.419 1.232   1.00 33.72  ? 8   C  A OP1   1 
ATOM   150 O  OP2   . C  A 1 8 ? 1.708   -14.381 1.969   1.00 30.82  ? 8   C  A OP2   1 
ATOM   151 O  "O5'" . C  A 1 8 ? 0.850   -14.674 -0.373  1.00 28.03  ? 8   C  A "O5'" 1 
ATOM   152 C  "C5'" . C  A 1 8 ? 0.171   -15.428 -1.372  1.00 27.21  ? 8   C  A "C5'" 1 
ATOM   153 C  "C4'" . C  A 1 8 ? 0.594   -14.866 -2.689  1.00 27.76  ? 8   C  A "C4'" 1 
ATOM   154 O  "O4'" . C  A 1 8 ? 0.503   -13.421 -2.601  1.00 31.29  ? 8   C  A "O4'" 1 
ATOM   155 C  "C3'" . C  A 1 8 ? 2.062   -15.086 -3.020  1.00 27.38  ? 8   C  A "C3'" 1 
ATOM   156 O  "O3'" . C  A 1 8 ? 2.266   -16.335 -3.667  1.00 32.01  ? 8   C  A "O3'" 1 
ATOM   157 C  "C2'" . C  A 1 8 ? 2.339   -13.961 -4.009  1.00 22.51  ? 8   C  A "C2'" 1 
ATOM   158 O  "O2'" . C  A 1 8 ? 1.955   -14.286 -5.328  1.00 29.84  ? 8   C  A "O2'" 1 
ATOM   159 C  "C1'" . C  A 1 8 ? 1.476   -12.836 -3.446  1.00 22.90  ? 8   C  A "C1'" 1 
ATOM   160 N  N1    . C  A 1 8 ? 2.279   -11.888 -2.665  1.00 15.81  ? 8   C  A N1    1 
ATOM   161 C  C2    . C  A 1 8 ? 2.817   -10.794 -3.332  1.00 14.55  ? 8   C  A C2    1 
ATOM   162 O  O2    . C  A 1 8 ? 2.595   -10.665 -4.538  1.00 23.51  ? 8   C  A O2    1 
ATOM   163 N  N3    . C  A 1 8 ? 3.584   -9.917  -2.662  1.00 19.42  ? 8   C  A N3    1 
ATOM   164 C  C4    . C  A 1 8 ? 3.841   -10.111 -1.370  1.00 24.94  ? 8   C  A C4    1 
ATOM   165 N  N4    . C  A 1 8 ? 4.607   -9.206  -0.751  1.00 33.96  ? 8   C  A N4    1 
ATOM   166 C  C5    . C  A 1 8 ? 3.318   -11.232 -0.656  1.00 16.50  ? 8   C  A C5    1 
ATOM   167 C  C6    . C  A 1 8 ? 2.569   -12.104 -1.344  1.00 15.26  ? 8   C  A C6    1 
ATOM   168 O  "O5'" . G  B 1 1 ? 6.168   -0.618  -6.625  1.00 88.48  ? 9   G  B "O5'" 1 
ATOM   169 C  "C5'" . G  B 1 1 ? 7.446   -1.049  -7.158  1.00 51.12  ? 9   G  B "C5'" 1 
ATOM   170 C  "C4'" . G  B 1 1 ? 7.288   -2.201  -8.132  1.00 35.76  ? 9   G  B "C4'" 1 
ATOM   171 O  "O4'" . G  B 1 1 ? 7.938   -3.376  -7.586  1.00 23.26  ? 9   G  B "O4'" 1 
ATOM   172 C  "C3'" . G  B 1 1 ? 5.863   -2.627  -8.451  1.00 36.39  ? 9   G  B "C3'" 1 
ATOM   173 O  "O3'" . G  B 1 1 ? 5.389   -1.914  -9.593  1.00 48.88  ? 9   G  B "O3'" 1 
ATOM   174 C  "C2'" . G  B 1 1 ? 5.980   -4.141  -8.646  1.00 23.31  ? 9   G  B "C2'" 1 
ATOM   175 O  "O2'" . G  B 1 1 ? 6.549   -4.500  -9.882  1.00 33.57  ? 9   G  B "O2'" 1 
ATOM   176 C  "C1'" . G  B 1 1 ? 7.086   -4.493  -7.667  1.00 11.70  ? 9   G  B "C1'" 1 
ATOM   177 N  N9    . G  B 1 1 ? 6.676   -4.807  -6.310  1.00 12.10  ? 9   G  B N9    1 
ATOM   178 C  C8    . G  B 1 1 ? 7.067   -4.126  -5.185  1.00 13.58  ? 9   G  B C8    1 
ATOM   179 N  N7    . G  B 1 1 ? 6.603   -4.652  -4.083  1.00 14.10  ? 9   G  B N7    1 
ATOM   180 C  C5    . G  B 1 1 ? 5.914   -5.781  -4.508  1.00 10.43  ? 9   G  B C5    1 
ATOM   181 C  C6    . G  B 1 1 ? 5.251   -6.773  -3.765  1.00 11.29  ? 9   G  B C6    1 
ATOM   182 O  O6    . G  B 1 1 ? 5.087   -6.839  -2.536  1.00 32.59  ? 9   G  B O6    1 
ATOM   183 N  N1    . G  B 1 1 ? 4.670   -7.726  -4.589  1.00 12.88  ? 9   G  B N1    1 
ATOM   184 C  C2    . G  B 1 1 ? 4.801   -7.780  -5.950  1.00 15.77  ? 9   G  B C2    1 
ATOM   185 N  N2    . G  B 1 1 ? 4.204   -8.819  -6.564  1.00 23.48  ? 9   G  B N2    1 
ATOM   186 N  N3    . G  B 1 1 ? 5.477   -6.893  -6.656  1.00 17.53  ? 9   G  B N3    1 
ATOM   187 C  C4    . G  B 1 1 ? 6.011   -5.927  -5.873  1.00 11.34  ? 9   G  B C4    1 
ATOM   188 P  P     . U  B 1 2 ? 3.992   -1.131  -9.455  1.00 58.96  ? 10  U  B P     1 
ATOM   189 O  OP1   . U  B 1 2 ? 3.782   -0.367  -10.716 1.00 59.40  ? 10  U  B OP1   1 
ATOM   190 O  OP2   . U  B 1 2 ? 3.931   -0.411  -8.157  1.00 57.27  ? 10  U  B OP2   1 
ATOM   191 O  "O5'" . U  B 1 2 ? 2.962   -2.347  -9.395  1.00 40.76  ? 10  U  B "O5'" 1 
ATOM   192 C  "C5'" . U  B 1 2 ? 2.532   -2.978  -10.608 1.00 33.43  ? 10  U  B "C5'" 1 
ATOM   193 C  "C4'" . U  B 1 2 ? 1.623   -4.141  -10.318 1.00 35.34  ? 10  U  B "C4'" 1 
ATOM   194 O  "O4'" . U  B 1 2 ? 2.324   -5.091  -9.491  1.00 38.06  ? 10  U  B "O4'" 1 
ATOM   195 C  "C3'" . U  B 1 2 ? 0.367   -3.807  -9.542  1.00 38.63  ? 10  U  B "C3'" 1 
ATOM   196 O  "O3'" . U  B 1 2 ? -0.582  -3.454  -10.537 1.00 47.58  ? 10  U  B "O3'" 1 
ATOM   197 C  "C2'" . U  B 1 2 ? 0.037   -5.131  -8.871  1.00 37.52  ? 10  U  B "C2'" 1 
ATOM   198 O  "O2'" . U  B 1 2 ? -0.588  -6.079  -9.707  1.00 40.52  ? 10  U  B "O2'" 1 
ATOM   199 C  "C1'" . U  B 1 2 ? 1.431   -5.670  -8.566  1.00 32.71  ? 10  U  B "C1'" 1 
ATOM   200 N  N1    . U  B 1 2 ? 1.875   -5.323  -7.215  1.00 37.45  ? 10  U  B N1    1 
ATOM   201 C  C2    . U  B 1 2 ? 1.389   -6.101  -6.192  1.00 24.68  ? 10  U  B C2    1 
ATOM   202 O  O2    . U  B 1 2 ? 0.641   -7.048  -6.377  1.00 40.46  ? 10  U  B O2    1 
ATOM   203 N  N3    . U  B 1 2 ? 1.799   -5.726  -4.941  1.00 23.11  ? 10  U  B N3    1 
ATOM   204 C  C4    . U  B 1 2 ? 2.639   -4.683  -4.605  1.00 20.29  ? 10  U  B C4    1 
ATOM   205 O  O4    . U  B 1 2 ? 2.906   -4.478  -3.411  1.00 28.48  ? 10  U  B O4    1 
ATOM   206 C  C5    . U  B 1 2 ? 3.105   -3.919  -5.716  1.00 19.19  ? 10  U  B C5    1 
ATOM   207 C  C6    . U  B 1 2 ? 2.711   -4.250  -6.956  1.00 37.94  ? 10  U  B C6    1 
ATOM   208 P  P     . G  B 1 3 ? -1.713  -2.410  -10.210 1.00 51.19  ? 11  G  B P     1 
ATOM   209 O  OP1   . G  B 1 3 ? -2.301  -1.933  -11.501 1.00 46.01  ? 11  G  B OP1   1 
ATOM   210 O  OP2   . G  B 1 3 ? -1.257  -1.466  -9.146  1.00 36.67  ? 11  G  B OP2   1 
ATOM   211 O  "O5'" . G  B 1 3 ? -2.730  -3.439  -9.562  1.00 45.89  ? 11  G  B "O5'" 1 
ATOM   212 C  "C5'" . G  B 1 3 ? -3.175  -3.231  -8.239  1.00 31.35  ? 11  G  B "C5'" 1 
ATOM   213 C  "C4'" . G  B 1 3 ? -3.888  -4.464  -7.814  1.00 27.19  ? 11  G  B "C4'" 1 
ATOM   214 O  "O4'" . G  B 1 3 ? -2.918  -5.465  -7.441  1.00 28.12  ? 11  G  B "O4'" 1 
ATOM   215 C  "C3'" . G  B 1 3 ? -4.742  -4.254  -6.596  1.00 29.04  ? 11  G  B "C3'" 1 
ATOM   216 O  "O3'" . G  B 1 3 ? -6.021  -3.992  -7.125  1.00 44.23  ? 11  G  B "O3'" 1 
ATOM   217 C  "C2'" . G  B 1 3 ? -4.672  -5.598  -5.915  1.00 29.23  ? 11  G  B "C2'" 1 
ATOM   218 O  "O2'" . G  B 1 3 ? -5.531  -6.396  -6.680  1.00 45.85  ? 11  G  B "O2'" 1 
ATOM   219 C  "C1'" . G  B 1 3 ? -3.213  -5.951  -6.150  1.00 24.36  ? 11  G  B "C1'" 1 
ATOM   220 N  N9    . G  B 1 3 ? -2.316  -5.297  -5.207  1.00 25.08  ? 11  G  B N9    1 
ATOM   221 C  C8    . G  B 1 3 ? -1.394  -4.319  -5.488  1.00 30.49  ? 11  G  B C8    1 
ATOM   222 N  N7    . G  B 1 3 ? -0.737  -3.917  -4.434  1.00 33.60  ? 11  G  B N7    1 
ATOM   223 C  C5    . G  B 1 3 ? -1.228  -4.704  -3.402  1.00 22.11  ? 11  G  B C5    1 
ATOM   224 C  C6    . G  B 1 3 ? -0.911  -4.708  -2.021  1.00 23.02  ? 11  G  B C6    1 
ATOM   225 O  O6    . G  B 1 3 ? -0.085  -4.011  -1.415  1.00 28.14  ? 11  G  B O6    1 
ATOM   226 N  N1    . G  B 1 3 ? -1.680  -5.631  -1.324  1.00 20.75  ? 11  G  B N1    1 
ATOM   227 C  C2    . G  B 1 3 ? -2.621  -6.459  -1.880  1.00 18.65  ? 11  G  B C2    1 
ATOM   228 N  N2    . G  B 1 3 ? -3.237  -7.294  -1.043  1.00 22.58  ? 11  G  B N2    1 
ATOM   229 N  N3    . G  B 1 3 ? -2.930  -6.464  -3.166  1.00 31.34  ? 11  G  B N3    1 
ATOM   230 C  C4    . G  B 1 3 ? -2.212  -5.553  -3.860  1.00 24.06  ? 11  G  B C4    1 
ATOM   231 P  P     . U  B 1 4 ? -6.531  -2.601  -6.557  1.00 47.03  ? 12  U  B P     1 
ATOM   232 O  OP1   . U  B 1 4 ? -7.902  -2.410  -7.095  1.00 47.75  ? 12  U  B OP1   1 
ATOM   233 O  OP2   . U  B 1 4 ? -5.484  -1.577  -6.831  1.00 43.12  ? 12  U  B OP2   1 
ATOM   234 O  "O5'" . U  B 1 4 ? -6.626  -2.933  -4.999  1.00 36.71  ? 12  U  B "O5'" 1 
ATOM   235 C  "C5'" . U  B 1 4 ? -7.744  -3.702  -4.489  1.00 35.87  ? 12  U  B "C5'" 1 
ATOM   236 C  "C4'" . U  B 1 4 ? -7.496  -4.137  -3.070  1.00 32.32  ? 12  U  B "C4'" 1 
ATOM   237 O  "O4'" . U  B 1 4 ? -6.114  -4.558  -2.952  1.00 30.79  ? 12  U  B "O4'" 1 
ATOM   238 C  "C3'" . U  B 1 4 ? -7.605  -3.054  -2.010  1.00 35.41  ? 12  U  B "C3'" 1 
ATOM   239 O  "O3'" . U  B 1 4 ? -8.927  -2.641  -1.636  1.00 46.43  ? 12  U  B "O3'" 1 
ATOM   240 C  "C2'" . U  B 1 4 ? -6.823  -3.687  -0.867  1.00 28.64  ? 12  U  B "C2'" 1 
ATOM   241 O  "O2'" . U  B 1 4 ? -7.567  -4.717  -0.235  1.00 40.65  ? 12  U  B "O2'" 1 
ATOM   242 C  "C1'" . U  B 1 4 ? -5.649  -4.294  -1.636  1.00 19.79  ? 12  U  B "C1'" 1 
ATOM   243 N  N1    . U  B 1 4 ? -4.442  -3.452  -1.735  1.00 19.85  ? 12  U  B N1    1 
ATOM   244 C  C2    . U  B 1 4 ? -3.679  -3.280  -0.596  1.00 18.56  ? 12  U  B C2    1 
ATOM   245 O  O2    . U  B 1 4 ? -3.987  -3.755  0.483   1.00 29.82  ? 12  U  B O2    1 
ATOM   246 N  N3    . U  B 1 4 ? -2.552  -2.524  -0.764  1.00 19.39  ? 12  U  B N3    1 
ATOM   247 C  C4    . U  B 1 4 ? -2.122  -1.909  -1.916  1.00 19.80  ? 12  U  B C4    1 
ATOM   248 O  O4    . U  B 1 4 ? -1.078  -1.240  -1.898  1.00 31.96  ? 12  U  B O4    1 
ATOM   249 C  C5    . U  B 1 4 ? -2.965  -2.130  -3.053  1.00 22.79  ? 12  U  B C5    1 
ATOM   250 C  C6    . U  B 1 4 ? -4.062  -2.890  -2.928  1.00 21.18  ? 12  U  B C6    1 
ATOM   251 P  P     . A  B 1 5 ? -9.168  -1.074  -1.312  1.00 45.75  ? 13  A  B P     1 
ATOM   252 O  OP1   . A  B 1 5 ? -10.648 -0.856  -1.230  1.00 50.69  ? 13  A  B OP1   1 
ATOM   253 O  OP2   . A  B 1 5 ? -8.354  -0.269  -2.250  1.00 35.61  ? 13  A  B OP2   1 
ATOM   254 O  "O5'" . A  B 1 5 ? -8.581  -0.846  0.149   1.00 33.73  ? 13  A  B "O5'" 1 
ATOM   255 C  "C5'" . A  B 1 5 ? -9.303  -1.355  1.278   1.00 36.38  ? 13  A  B "C5'" 1 
ATOM   256 C  "C4'" . A  B 1 5 ? -8.464  -1.288  2.522   1.00 34.32  ? 13  A  B "C4'" 1 
ATOM   257 O  "O4'" . A  B 1 5 ? -7.190  -1.922  2.256   1.00 34.50  ? 13  A  B "O4'" 1 
ATOM   258 C  "C3'" . A  B 1 5 ? -8.085  0.110   2.987   1.00 38.19  ? 13  A  B "C3'" 1 
ATOM   259 O  "O3'" . A  B 1 5 ? -9.118  0.698   3.774   1.00 48.61  ? 13  A  B "O3'" 1 
ATOM   260 C  "C2'" . A  B 1 5 ? -6.848  -0.183  3.817   1.00 29.76  ? 13  A  B "C2'" 1 
ATOM   261 O  "O2'" . A  B 1 5 ? -7.180  -0.757  5.065   1.00 40.91  ? 13  A  B "O2'" 1 
ATOM   262 C  "C1'" . A  B 1 5 ? -6.160  -1.225  2.942   1.00 34.04  ? 13  A  B "C1'" 1 
ATOM   263 N  N9    . A  B 1 5 ? -5.265  -0.626  1.949   1.00 34.95  ? 13  A  B N9    1 
ATOM   264 C  C8    . A  B 1 5 ? -5.500  -0.439  0.608   1.00 26.54  ? 13  A  B C8    1 
ATOM   265 N  N7    . A  B 1 5 ? -4.507  0.132   -0.028  1.00 33.61  ? 13  A  B N7    1 
ATOM   266 C  C5    . A  B 1 5 ? -3.548  0.328   0.958   1.00 29.97  ? 13  A  B C5    1 
ATOM   267 C  C6    . A  B 1 5 ? -2.255  0.887   0.926   1.00 28.77  ? 13  A  B C6    1 
ATOM   268 N  N6    . A  B 1 5 ? -1.686  1.384   -0.179  1.00 48.89  ? 13  A  B N6    1 
ATOM   269 N  N1    . A  B 1 5 ? -1.552  0.906   2.078   1.00 27.05  ? 13  A  B N1    1 
ATOM   270 C  C2    . A  B 1 5 ? -2.141  0.460   3.193   1.00 28.27  ? 13  A  B C2    1 
ATOM   271 N  N3    . A  B 1 5 ? -3.337  -0.108  3.346   1.00 28.07  ? 13  A  B N3    1 
ATOM   272 C  C4    . A  B 1 5 ? -4.007  -0.122  2.181   1.00 24.72  ? 13  A  B C4    1 
ATOM   273 P  P     . U  B 1 6 ? -9.572  2.228   3.619   1.00 46.76  ? 14  U  B P     1 
ATOM   274 O  OP1   . U  B 1 6 ? -10.860 2.441   4.334   1.00 51.92  ? 14  U  B OP1   1 
ATOM   275 O  OP2   . U  B 1 6 ? -9.440  2.625   2.195   1.00 34.63  ? 14  U  B OP2   1 
ATOM   276 O  "O5'" . U  B 1 6 ? -8.408  2.955   4.418   1.00 36.45  ? 14  U  B "O5'" 1 
ATOM   277 C  "C5'" . U  B 1 6 ? -8.057  2.538   5.750   1.00 39.76  ? 14  U  B "C5'" 1 
ATOM   278 C  "C4'" . U  B 1 6 ? -6.645  2.971   6.052   1.00 39.84  ? 14  U  B "C4'" 1 
ATOM   279 O  "O4'" . U  B 1 6 ? -5.721  2.319   5.133   1.00 48.48  ? 14  U  B "O4'" 1 
ATOM   280 C  "C3'" . U  B 1 6 ? -6.354  4.440   5.832   1.00 38.55  ? 14  U  B "C3'" 1 
ATOM   281 O  "O3'" . U  B 1 6 ? -6.897  5.213   6.901   1.00 45.48  ? 14  U  B "O3'" 1 
ATOM   282 C  "C2'" . U  B 1 6 ? -4.831  4.419   5.746   1.00 33.04  ? 14  U  B "C2'" 1 
ATOM   283 O  "O2'" . U  B 1 6 ? -4.339  4.301   7.071   1.00 44.51  ? 14  U  B "O2'" 1 
ATOM   284 C  "C1'" . U  B 1 6 ? -4.590  3.152   4.913   1.00 26.70  ? 14  U  B "C1'" 1 
ATOM   285 N  N1    . U  B 1 6 ? -4.429  3.352   3.458   1.00 24.59  ? 14  U  B N1    1 
ATOM   286 C  C2    . U  B 1 6 ? -3.192  3.780   2.996   1.00 30.68  ? 14  U  B C2    1 
ATOM   287 O  O2    . U  B 1 6 ? -2.246  4.007   3.741   1.00 41.04  ? 14  U  B O2    1 
ATOM   288 N  N3    . U  B 1 6 ? -3.107  3.939   1.630   1.00 24.89  ? 14  U  B N3    1 
ATOM   289 C  C4    . U  B 1 6 ? -4.101  3.730   0.697   1.00 27.85  ? 14  U  B C4    1 
ATOM   290 O  O4    . U  B 1 6 ? -3.868  3.928   -0.506  1.00 26.60  ? 14  U  B O4    1 
ATOM   291 C  C5    . U  B 1 6 ? -5.343  3.281   1.252   1.00 23.81  ? 14  U  B C5    1 
ATOM   292 C  C6    . U  B 1 6 ? -5.459  3.103   2.578   1.00 23.43  ? 14  U  B C6    1 
ATOM   293 P  P     . A  B 1 7 ? -7.233  6.768   6.678   1.00 46.19  ? 15  A  B P     1 
ATOM   294 O  OP1   . A  B 1 7 ? -8.145  7.154   7.790   1.00 54.05  ? 15  A  B OP1   1 
ATOM   295 O  OP2   . A  B 1 7 ? -7.616  7.058   5.268   1.00 48.87  ? 15  A  B OP2   1 
ATOM   296 O  "O5'" . A  B 1 7 ? -5.832  7.442   7.005   1.00 46.22  ? 15  A  B "O5'" 1 
ATOM   297 C  "C5'" . A  B 1 7 ? -5.294  7.347   8.339   1.00 40.32  ? 15  A  B "C5'" 1 
ATOM   298 C  "C4'" . A  B 1 7 ? -3.889  7.861   8.346   1.00 31.79  ? 15  A  B "C4'" 1 
ATOM   299 O  "O4'" . A  B 1 7 ? -3.087  6.995   7.496   1.00 28.72  ? 15  A  B "O4'" 1 
ATOM   300 C  "C3'" . A  B 1 7 ? -3.701  9.233   7.714   1.00 41.76  ? 15  A  B "C3'" 1 
ATOM   301 O  "O3'" . A  B 1 7 ? -4.094  10.299  8.566   1.00 65.12  ? 15  A  B "O3'" 1 
ATOM   302 C  "C2'" . A  B 1 7 ? -2.227  9.183   7.351   1.00 40.67  ? 15  A  B "C2'" 1 
ATOM   303 O  "O2'" . A  B 1 7 ? -1.377  9.274   8.489   1.00 47.41  ? 15  A  B "O2'" 1 
ATOM   304 C  "C1'" . A  B 1 7 ? -2.141  7.773   6.772   1.00 31.97  ? 15  A  B "C1'" 1 
ATOM   305 N  N9    . A  B 1 7 ? -2.446  7.668   5.338   1.00 34.53  ? 15  A  B N9    1 
ATOM   306 C  C8    . A  B 1 7 ? -3.616  7.253   4.746   1.00 36.61  ? 15  A  B C8    1 
ATOM   307 N  N7    . A  B 1 7 ? -3.569  7.228   3.435   1.00 39.68  ? 15  A  B N7    1 
ATOM   308 C  C5    . A  B 1 7 ? -2.278  7.650   3.141   1.00 34.09  ? 15  A  B C5    1 
ATOM   309 C  C6    . A  B 1 7 ? -1.600  7.846   1.924   1.00 25.03  ? 15  A  B C6    1 
ATOM   310 N  N6    . A  B 1 7 ? -2.146  7.632   0.725   1.00 39.63  ? 15  A  B N6    1 
ATOM   311 N  N1    . A  B 1 7 ? -0.320  8.267   1.982   1.00 27.07  ? 15  A  B N1    1 
ATOM   312 C  C2    . A  B 1 7 ? 0.230   8.487   3.186   1.00 23.74  ? 15  A  B C2    1 
ATOM   313 N  N3    . A  B 1 7 ? -0.300  8.338   4.394   1.00 22.36  ? 15  A  B N3    1 
ATOM   314 C  C4    . A  B 1 7 ? -1.574  7.918   4.303   1.00 30.79  ? 15  A  B C4    1 
ATOM   315 P  P     . C  B 1 8 ? -4.772  11.611  7.930   1.00 51.65  ? 16  C  B P     1 
ATOM   316 O  OP1   . C  B 1 8 ? -5.030  12.373  9.168   1.00 54.89  ? 16  C  B OP1   1 
ATOM   317 O  OP2   . C  B 1 8 ? -5.932  11.226  7.080   1.00 35.79  ? 16  C  B OP2   1 
ATOM   318 O  "O5'" . C  B 1 8 ? -3.601  12.257  7.042   1.00 50.30  ? 16  C  B "O5'" 1 
ATOM   319 C  "C5'" . C  B 1 8 ? -2.873  13.441  7.473   1.00 35.06  ? 16  C  B "C5'" 1 
ATOM   320 C  "C4'" . C  B 1 8 ? -1.518  13.613  6.788   1.00 38.70  ? 16  C  B "C4'" 1 
ATOM   321 O  "O4'" . C  B 1 8 ? -1.182  12.396  6.085   1.00 28.40  ? 16  C  B "O4'" 1 
ATOM   322 C  "C3'" . C  B 1 8 ? -1.382  14.781  5.798   1.00 40.92  ? 16  C  B "C3'" 1 
ATOM   323 O  "O3'" . C  B 1 8 ? -0.497  15.863  6.176   1.00 48.74  ? 16  C  B "O3'" 1 
ATOM   324 C  "C2'" . C  B 1 8 ? -0.587  14.215  4.639   1.00 18.86  ? 16  C  B "C2'" 1 
ATOM   325 O  "O2'" . C  B 1 8 ? 0.697   14.750  4.944   1.00 51.32  ? 16  C  B "O2'" 1 
ATOM   326 C  "C1'" . C  B 1 8 ? -0.733  12.695  4.793   1.00 17.34  ? 16  C  B "C1'" 1 
ATOM   327 N  N1    . C  B 1 8 ? -1.635  12.026  3.835   1.00 19.24  ? 16  C  B N1    1 
ATOM   328 C  C2    . C  B 1 8 ? -1.257  11.972  2.488   1.00 14.43  ? 16  C  B C2    1 
ATOM   329 O  O2    . C  B 1 8 ? -0.219  12.537  2.135   1.00 23.77  ? 16  C  B O2    1 
ATOM   330 N  N3    . C  B 1 8 ? -2.074  11.375  1.594   1.00 15.67  ? 16  C  B N3    1 
ATOM   331 C  C4    . C  B 1 8 ? -3.191  10.779  2.006   1.00 13.85  ? 16  C  B C4    1 
ATOM   332 N  N4    . C  B 1 8 ? -3.944  10.177  1.082   1.00 22.76  ? 16  C  B N4    1 
ATOM   333 C  C5    . C  B 1 8 ? -3.606  10.816  3.369   1.00 17.94  ? 16  C  B C5    1 
ATOM   334 C  C6    . C  B 1 8 ? -2.790  11.422  4.250   1.00 16.87  ? 16  C  B C6    1 
HETATM 335 SR SR    . SR C 2 . ? 2.575   0.921   -2.511  1.00 99.25  ? 101 SR A SR    1 
HETATM 336 SR SR    . SR D 2 . ? 5.760   -3.386  0.287   1.00 87.98  ? 102 SR A SR    1 
HETATM 337 SR SR    . SR E 2 . ? 2.806   -16.264 -6.218  0.33 21.50  ? 103 SR A SR    1 
HETATM 338 SR SR    . SR F 2 . ? -2.298  -13.269 -5.890  0.33 33.23  ? 104 SR A SR    1 
HETATM 339 SR SR    . SR G 2 . ? -2.845  4.195   -2.734  1.00 91.52  ? 101 SR B SR    1 
# 
loop_
_atom_site_anisotrop.id 
_atom_site_anisotrop.type_symbol 
_atom_site_anisotrop.pdbx_label_atom_id 
_atom_site_anisotrop.pdbx_label_alt_id 
_atom_site_anisotrop.pdbx_label_comp_id 
_atom_site_anisotrop.pdbx_label_asym_id 
_atom_site_anisotrop.pdbx_label_seq_id 
_atom_site_anisotrop.pdbx_PDB_ins_code 
_atom_site_anisotrop.U[1][1] 
_atom_site_anisotrop.U[2][2] 
_atom_site_anisotrop.U[3][3] 
_atom_site_anisotrop.U[1][2] 
_atom_site_anisotrop.U[1][3] 
_atom_site_anisotrop.U[2][3] 
_atom_site_anisotrop.pdbx_auth_seq_id 
_atom_site_anisotrop.pdbx_auth_comp_id 
_atom_site_anisotrop.pdbx_auth_asym_id 
_atom_site_anisotrop.pdbx_auth_atom_id 
1   O  "O5'" . G  A 1 ? 4.5719 1.6622 0.6073 2.6053  -1.0925 -0.4115 1   G  A "O5'" 
2   C  "C5'" . G  A 1 ? 0.0779 0.2073 0.6877 0.0239  -0.1445 0.0966  1   G  A "C5'" 
3   C  "C4'" . G  A 1 ? 0.1492 0.1941 0.5318 0.0061  -0.1261 0.1581  1   G  A "C4'" 
4   O  "O4'" . G  A 1 ? 0.5418 0.3380 0.4645 0.1033  0.0492  0.0870  1   G  A "O4'" 
5   C  "C3'" . G  A 1 ? 0.3102 0.4183 0.3651 0.0187  -0.0887 0.0896  1   G  A "C3'" 
6   O  "O3'" . G  A 1 ? 0.4168 0.4852 1.0058 0.1003  0.1315  0.0304  1   G  A "O3'" 
7   C  "C2'" . G  A 1 ? 0.2435 0.2470 0.4278 0.0377  0.0179  0.1828  1   G  A "C2'" 
8   O  "O2'" . G  A 1 ? 0.4250 0.1423 0.8049 0.0092  0.2495  0.2747  1   G  A "O2'" 
9   C  "C1'" . G  A 1 ? 0.2665 0.2160 0.3843 -0.0136 -0.0895 0.2509  1   G  A "C1'" 
10  N  N9    . G  A 1 ? 0.3047 0.2137 0.2788 0.0014  -0.0652 0.2114  1   G  A N9    
11  C  C8    . G  A 1 ? 0.4505 0.3285 0.3662 -0.0271 -0.0946 0.0843  1   G  A C8    
12  N  N7    . G  A 1 ? 0.4028 0.4264 0.2962 0.0639  0.0121  -0.1004 1   G  A N7    
13  C  C5    . G  A 1 ? 0.3792 0.3478 0.1331 -0.0886 -0.0421 0.1179  1   G  A C5    
14  C  C6    . G  A 1 ? 0.3648 0.2197 0.2176 -0.2160 0.0421  -0.0453 1   G  A C6    
15  O  O6    . G  A 1 ? 0.4583 0.3422 0.6435 -0.2763 0.2593  -0.0965 1   G  A O6    
16  N  N1    . G  A 1 ? 0.1383 0.0910 0.3656 -0.0818 -0.0834 0.0183  1   G  A N1    
17  C  C2    . G  A 1 ? 0.1429 0.1045 0.3424 -0.0915 -0.0602 -0.0012 1   G  A C2    
18  N  N2    . G  A 1 ? 0.2818 0.2080 0.4369 0.1048  -0.3138 -0.0663 1   G  A N2    
19  N  N3    . G  A 1 ? 0.2798 0.2506 0.2527 0.0521  -0.1853 0.0773  1   G  A N3    
20  C  C4    . G  A 1 ? 0.2054 0.2592 0.2363 -0.0212 -0.1759 0.1160  1   G  A C4    
21  P  P     . U  A 2 ? 0.3756 0.2512 0.9875 0.0838  0.1364  -0.1843 2   U  A P     
22  O  OP1   . U  A 2 ? 0.3741 0.3637 1.1465 0.2952  0.2690  -0.0567 2   U  A OP1   
23  O  OP2   . U  A 2 ? 0.4362 0.2413 0.8265 0.0082  -0.0467 -0.1601 2   U  A OP2   
24  O  "O5'" . U  A 2 ? 0.3782 0.4480 0.7085 0.0752  0.1034  0.0331  2   U  A "O5'" 
25  C  "C5'" . U  A 2 ? 0.3681 0.3809 0.4967 0.1008  0.1663  -0.0022 2   U  A "C5'" 
26  C  "C4'" . U  A 2 ? 0.4998 0.2556 0.4900 0.2411  0.1640  -0.0453 2   U  A "C4'" 
27  O  "O4'" . U  A 2 ? 0.4872 0.3394 0.4270 0.0936  0.1701  0.0139  2   U  A "O4'" 
28  C  "C3'" . U  A 2 ? 0.5211 0.3980 0.5782 0.2215  0.0514  0.0284  2   U  A "C3'" 
29  O  "O3'" . U  A 2 ? 0.8088 0.7618 0.7938 0.5276  -0.1878 0.1591  2   U  A "O3'" 
30  C  "C2'" . U  A 2 ? 0.5407 0.3532 0.4468 0.1207  -0.0345 -0.0286 2   U  A "C2'" 
31  O  "O2'" . U  A 2 ? 0.5729 0.2882 0.5101 0.1698  -0.0675 -0.0586 2   U  A "O2'" 
32  C  "C1'" . U  A 2 ? 0.5456 0.2078 0.3678 0.0550  -0.0155 0.0774  2   U  A "C1'" 
33  N  N1    . U  A 2 ? 0.5986 0.1172 0.1551 0.0158  -0.0768 0.0848  2   U  A N1    
34  C  C2    . U  A 2 ? 0.5665 0.2489 0.1347 -0.0768 -0.0814 -0.0507 2   U  A C2    
35  O  O2    . U  A 2 ? 0.9382 0.3554 0.1164 -0.0083 -0.1472 -0.0768 2   U  A O2    
36  N  N3    . U  A 2 ? 0.6287 0.0381 0.3116 -0.0719 -0.0922 -0.0103 2   U  A N3    
37  C  C4    . U  A 2 ? 0.3216 0.2434 0.3756 -0.2410 -0.0615 -0.0365 2   U  A C4    
38  O  O4    . U  A 2 ? 0.3544 0.2213 0.7942 -0.2504 0.0633  0.0169  2   U  A O4    
39  C  C5    . U  A 2 ? 0.5693 0.4332 0.4685 -0.2013 0.0573  0.0992  2   U  A C5    
40  C  C6    . U  A 2 ? 0.4520 0.2709 0.2972 -0.0295 -0.1950 0.0231  2   U  A C6    
41  P  P     . G  A 3 ? 0.8563 0.7958 0.4874 0.5040  -0.0950 0.1471  3   G  A P     
42  O  OP1   . G  A 3 ? 0.9001 0.6486 0.5822 0.3761  -0.2136 0.3057  3   G  A OP1   
43  O  OP2   . G  A 3 ? 0.8888 0.6865 0.2304 0.6519  -0.0517 -0.0055 3   G  A OP2   
44  O  "O5'" . G  A 3 ? 0.7053 0.4327 0.4332 0.1399  -0.1168 0.3454  3   G  A "O5'" 
45  C  "C5'" . G  A 3 ? 0.4497 0.5188 0.5339 0.2928  -0.0571 0.0047  3   G  A "C5'" 
46  C  "C4'" . G  A 3 ? 0.4479 0.4823 0.5613 0.1655  -0.0301 0.0646  3   G  A "C4'" 
47  O  "O4'" . G  A 3 ? 0.5635 0.2990 0.7897 0.1306  -0.2333 0.0509  3   G  A "O4'" 
48  C  "C3'" . G  A 3 ? 0.2763 0.5003 0.5824 0.0643  -0.1961 0.0621  3   G  A "C3'" 
49  O  "O3'" . G  A 3 ? 0.4496 0.5022 0.6350 0.1694  -0.2483 0.0292  3   G  A "O3'" 
50  C  "C2'" . G  A 3 ? 0.6081 0.4052 0.2368 0.0140  -0.1287 0.0204  3   G  A "C2'" 
51  O  "O2'" . G  A 3 ? 0.5940 0.3998 0.4043 0.0061  -0.2006 -0.0851 3   G  A "O2'" 
52  C  "C1'" . G  A 3 ? 0.6933 0.1764 0.5883 -0.0226 -0.2582 0.0417  3   G  A "C1'" 
53  N  N9    . G  A 3 ? 0.2808 0.1583 0.6495 -0.0569 -0.1073 0.1800  3   G  A N9    
54  C  C8    . G  A 3 ? 0.5124 0.2350 0.6181 0.0249  -0.0701 0.1783  3   G  A C8    
55  N  N7    . G  A 3 ? 0.4183 0.1742 0.6977 -0.0670 0.1216  0.1634  3   G  A N7    
56  C  C5    . G  A 3 ? 0.4906 0.1956 0.4940 -0.0736 0.0481  0.2076  3   G  A C5    
57  C  C6    . G  A 3 ? 0.4666 0.4103 0.4004 -0.0493 0.1770  0.0385  3   G  A C6    
58  O  O6    . G  A 3 ? 0.8055 0.1841 0.9525 -0.1021 0.0174  -0.1806 3   G  A O6    
59  N  N1    . G  A 3 ? 0.4667 0.3283 0.2839 0.1534  0.0924  0.1189  3   G  A N1    
60  C  C2    . G  A 3 ? 0.3286 0.4589 0.2927 0.1614  0.2291  0.0359  3   G  A C2    
61  N  N2    . G  A 3 ? 0.5838 0.3688 0.2212 0.1691  0.2213  0.1898  3   G  A N2    
62  N  N3    . G  A 3 ? 0.4259 0.2307 0.4612 0.1153  0.1793  0.0677  3   G  A N3    
63  C  C4    . G  A 3 ? 0.4176 0.1979 0.4049 -0.0446 0.1175  0.2268  3   G  A C4    
64  P  P     . U  A 4 ? 0.4615 0.4799 0.4563 0.0936  -0.0789 0.0517  4   U  A P     
65  O  OP1   . U  A 4 ? 0.6704 0.4359 0.6216 0.2338  -0.1898 0.3292  4   U  A OP1   
66  O  OP2   . U  A 4 ? 0.6638 0.7656 0.3604 0.0767  -0.1713 0.1943  4   U  A OP2   
67  O  "O5'" . U  A 4 ? 0.6755 0.6024 0.2512 0.0444  -0.0823 0.0230  4   U  A "O5'" 
68  C  "C5'" . U  A 4 ? 0.5062 0.5059 0.3277 0.1466  -0.2541 -0.0899 4   U  A "C5'" 
69  C  "C4'" . U  A 4 ? 0.4949 0.3874 0.5677 0.1193  -0.1220 -0.0194 4   U  A "C4'" 
70  O  "O4'" . U  A 4 ? 0.5256 0.2845 0.5051 0.1848  -0.0664 -0.0890 4   U  A "O4'" 
71  C  "C3'" . U  A 4 ? 0.5443 0.4509 0.4248 0.0668  -0.1111 -0.0226 4   U  A "C3'" 
72  O  "O3'" . U  A 4 ? 0.6888 0.5704 0.5725 0.1893  -0.2479 -0.0348 4   U  A "O3'" 
73  C  "C2'" . U  A 4 ? 0.5650 0.3797 0.1072 0.0576  0.0277  -0.0219 4   U  A "C2'" 
74  O  "O2'" . U  A 4 ? 0.9215 0.8085 0.1274 0.1225  -0.1775 -0.2509 4   U  A "O2'" 
75  C  "C1'" . U  A 4 ? 0.5121 0.2820 0.0702 0.1433  -0.0875 -0.1049 4   U  A "C1'" 
76  N  N1    . U  A 4 ? 0.3512 0.1012 0.0660 0.1563  -0.0866 -0.0455 4   U  A N1    
77  C  C2    . U  A 4 ? 0.3676 0.2184 0.0452 0.0853  0.0174  -0.0501 4   U  A C2    
78  O  O2    . U  A 4 ? 0.5397 0.4368 0.3142 0.2107  0.2256  0.1055  4   U  A O2    
79  N  N3    . U  A 4 ? 0.3584 0.0855 0.0765 0.1202  -0.0431 -0.0432 4   U  A N3    
80  C  C4    . U  A 4 ? 0.3993 0.1645 0.2115 -0.0034 0.0316  -0.0214 4   U  A C4    
81  O  O4    . U  A 4 ? 0.4529 0.2602 0.2904 0.0403  -0.0854 -0.0305 4   U  A O4    
82  C  C5    . U  A 4 ? 0.4328 0.2360 0.0591 0.0874  -0.0797 -0.0462 4   U  A C5    
83  C  C6    . U  A 4 ? 0.3583 0.2380 0.0719 0.1291  -0.1165 -0.0142 4   U  A C6    
84  P  P     . A  A 5 ? 0.6483 0.4120 0.5138 0.0321  -0.2565 0.0744  5   A  A P     
85  O  OP1   . A  A 5 ? 0.5046 0.3637 0.5782 0.0652  -0.2736 0.0289  5   A  A OP1   
86  O  OP2   . A  A 5 ? 0.3974 0.4222 0.4885 0.1169  -0.2108 0.0173  5   A  A OP2   
87  O  "O5'" . A  A 5 ? 0.6265 0.5259 0.5157 -0.0114 -0.0596 0.2016  5   A  A "O5'" 
88  C  "C5'" . A  A 5 ? 0.6727 0.6708 0.2541 0.1230  -0.2265 -0.0420 5   A  A "C5'" 
89  C  "C4'" . A  A 5 ? 0.7436 0.2783 0.4034 0.0949  -0.1881 0.0440  5   A  A "C4'" 
90  O  "O4'" . A  A 5 ? 0.7418 0.3214 0.3540 0.1373  -0.2949 -0.0473 5   A  A "O4'" 
91  C  "C3'" . A  A 5 ? 0.7376 0.3513 0.2288 0.0401  -0.1617 0.0030  5   A  A "C3'" 
92  O  "O3'" . A  A 5 ? 0.9097 0.4665 0.3209 0.1192  -0.1754 0.1023  5   A  A "O3'" 
93  C  "C2'" . A  A 5 ? 0.6469 0.2373 0.2691 0.0596  -0.0725 -0.0027 5   A  A "C2'" 
94  O  "O2'" . A  A 5 ? 0.7067 0.3262 0.3084 0.2079  -0.0609 0.1198  5   A  A "O2'" 
95  C  "C1'" . A  A 5 ? 0.7002 0.1977 0.1686 0.0485  -0.0867 -0.0711 5   A  A "C1'" 
96  N  N9    . A  A 5 ? 0.7139 0.3299 0.1555 0.0113  -0.1255 -0.0456 5   A  A N9    
97  C  C8    . A  A 5 ? 0.5555 0.2615 0.3271 0.0093  -0.2998 0.0319  5   A  A C8    
98  N  N7    . A  A 5 ? 0.7473 0.1098 0.3492 0.0575  -0.3072 0.0457  5   A  A N7    
99  C  C5    . A  A 5 ? 0.6983 0.1434 0.3491 0.0421  -0.0938 -0.0350 5   A  A C5    
100 C  C6    . A  A 5 ? 0.4277 0.2033 0.4655 -0.0247 -0.0887 -0.0285 5   A  A C6    
101 N  N6    . A  A 5 ? 0.6645 0.4330 0.4643 0.2848  -0.0123 0.2901  5   A  A N6    
102 N  N1    . A  A 5 ? 0.3748 0.1570 0.7374 0.0904  -0.1034 -0.0328 5   A  A N1    
103 C  C2    . A  A 5 ? 0.3475 0.1392 0.3747 0.0815  -0.2907 -0.1637 5   A  A C2    
104 N  N3    . A  A 5 ? 0.4129 0.1166 0.2944 0.1863  -0.2270 -0.0936 5   A  A N3    
105 C  C4    . A  A 5 ? 0.5269 0.0290 0.3353 0.0420  -0.1620 -0.0087 5   A  A C4    
106 P  P     . U  A 6 ? 0.7208 0.3769 0.6740 0.0098  -0.1837 0.1661  6   U  A P     
107 O  OP1   . U  A 6 ? 1.1891 0.2142 0.9073 0.0779  -0.1515 0.3877  6   U  A OP1   
108 O  OP2   . U  A 6 ? 0.6966 0.1837 0.6996 0.0265  -0.1284 0.3145  6   U  A OP2   
109 O  "O5'" . U  A 6 ? 0.7500 0.3197 0.3826 -0.0942 -0.0108 0.1571  6   U  A "O5'" 
110 C  "C5'" . U  A 6 ? 0.6476 0.3559 0.1382 0.0145  0.0705  0.0081  6   U  A "C5'" 
111 C  "C4'" . U  A 6 ? 0.4811 0.1598 0.3105 -0.1119 0.0410  0.0315  6   U  A "C4'" 
112 O  "O4'" . U  A 6 ? 0.6391 0.4183 0.1380 -0.0159 0.1529  0.1673  6   U  A "O4'" 
113 C  "C3'" . U  A 6 ? 0.5459 0.2206 0.3610 -0.0815 0.0947  0.0167  6   U  A "C3'" 
114 O  "O3'" . U  A 6 ? 0.6687 0.2249 0.4689 -0.1114 0.1468  -0.0047 6   U  A "O3'" 
115 C  "C2'" . U  A 6 ? 0.3865 0.1683 0.3521 -0.1363 0.0931  -0.0461 6   U  A "C2'" 
116 O  "O2'" . U  A 6 ? 0.3500 0.1184 0.6343 -0.0956 0.2313  -0.0142 6   U  A "O2'" 
117 C  "C1'" . U  A 6 ? 0.4621 0.1557 0.2170 0.0433  0.2401  -0.0376 6   U  A "C1'" 
118 N  N1    . U  A 6 ? 0.3993 0.0738 0.2858 -0.0003 0.0994  -0.0074 6   U  A N1    
119 C  C2    . U  A 6 ? 0.4835 0.1240 0.2883 -0.0075 0.0326  0.0239  6   U  A C2    
120 O  O2    . U  A 6 ? 0.4022 0.1092 0.3917 0.1715  -0.0303 -0.0603 6   U  A O2    
121 N  N3    . U  A 6 ? 0.4529 0.0750 0.3990 -0.0567 0.0742  -0.0952 6   U  A N3    
122 C  C4    . U  A 6 ? 0.5503 0.0916 0.1482 -0.0493 -0.0036 -0.0867 6   U  A C4    
123 O  O4    . U  A 6 ? 0.7325 0.1256 0.3459 -0.0788 0.1514  -0.0320 6   U  A O4    
124 C  C5    . U  A 6 ? 0.4735 0.0331 0.1993 0.0442  -0.0404 0.0201  6   U  A C5    
125 C  C6    . U  A 6 ? 0.4149 0.0293 0.3244 0.0373  -0.0248 0.0078  6   U  A C6    
126 P  P     . A  A 7 ? 0.6041 0.1248 0.5538 -0.0774 0.0091  0.0290  7   A  A P     
127 O  OP1   . A  A 7 ? 0.6077 0.1602 0.7935 -0.0927 0.1638  0.1408  7   A  A OP1   
128 O  OP2   . A  A 7 ? 0.2968 0.3331 0.4099 0.1072  0.0136  0.0168  7   A  A OP2   
129 O  "O5'" . A  A 7 ? 0.6406 0.2802 0.5301 -0.1498 0.0466  -0.1691 7   A  A "O5'" 
130 C  "C5'" . A  A 7 ? 0.6315 0.0622 0.4528 -0.1313 0.1817  0.0167  7   A  A "C5'" 
131 C  "C4'" . A  A 7 ? 0.5736 0.1608 0.4190 0.1514  0.0726  0.0485  7   A  A "C4'" 
132 O  "O4'" . A  A 7 ? 0.5442 0.1466 0.1848 0.0508  0.2038  0.0443  7   A  A "O4'" 
133 C  "C3'" . A  A 7 ? 0.5039 0.3095 0.3200 -0.0249 0.1246  0.0358  7   A  A "C3'" 
134 O  "O3'" . A  A 7 ? 0.4859 0.2625 0.5858 0.0361  0.0419  -0.0957 7   A  A "O3'" 
135 C  "C2'" . A  A 7 ? 0.3368 0.1794 0.3826 -0.1733 0.0297  -0.0345 7   A  A "C2'" 
136 O  "O2'" . A  A 7 ? 0.1852 0.3017 0.9698 -0.1864 -0.0119 0.2500  7   A  A "O2'" 
137 C  "C1'" . A  A 7 ? 0.2720 0.1839 0.2208 -0.1522 0.1833  -0.0512 7   A  A "C1'" 
138 N  N9    . A  A 7 ? 0.2185 0.1992 0.2480 -0.1357 0.1080  -0.0328 7   A  A N9    
139 C  C8    . A  A 7 ? 0.3723 0.4280 0.1489 -0.1116 0.1146  -0.0819 7   A  A C8    
140 N  N7    . A  A 7 ? 0.2350 0.5272 0.1603 -0.1576 -0.0441 -0.1865 7   A  A N7    
141 C  C5    . A  A 7 ? 0.1016 0.2624 0.1774 -0.1112 0.0640  -0.0366 7   A  A C5    
142 C  C6    . A  A 7 ? 0.0790 0.1703 0.1400 -0.0877 0.0533  -0.0769 7   A  A C6    
143 N  N6    . A  A 7 ? 0.0654 0.1156 0.2909 -0.0592 0.0388  -0.0820 7   A  A N6    
144 N  N1    . A  A 7 ? 0.0469 0.2251 0.2659 -0.0341 -0.0635 0.0125  7   A  A N1    
145 C  C2    . A  A 7 ? 0.1117 0.1310 0.4563 -0.0900 0.0457  0.0139  7   A  A C2    
146 N  N3    . A  A 7 ? 0.2295 0.3274 0.2480 -0.0807 0.0853  0.0121  7   A  A N3    
147 C  C4    . A  A 7 ? 0.1322 0.2535 0.1683 -0.1277 0.1114  -0.0880 7   A  A C4    
148 P  P     . C  A 8 ? 0.4849 0.2399 0.5148 0.0552  0.0225  0.0211  8   C  A P     
149 O  OP1   . C  A 8 ? 0.4118 0.2514 0.6179 0.0838  -0.0147 0.2468  8   C  A OP1   
150 O  OP2   . C  A 8 ? 0.4141 0.1482 0.6085 0.0538  0.0208  -0.0038 8   C  A OP2   
151 O  "O5'" . C  A 8 ? 0.3341 0.2867 0.4442 -0.0172 0.0157  -0.0019 8   C  A "O5'" 
152 C  "C5'" . C  A 8 ? 0.3349 0.2860 0.4126 -0.0272 0.0443  -0.0054 8   C  A "C5'" 
153 C  "C4'" . C  A 8 ? 0.3015 0.2414 0.5117 -0.0082 0.0679  0.0825  8   C  A "C4'" 
154 O  "O4'" . C  A 8 ? 0.3285 0.2718 0.5885 0.0237  0.0919  -0.0272 8   C  A "O4'" 
155 C  "C3'" . C  A 8 ? 0.2735 0.2339 0.5330 0.0152  0.0038  0.0335  8   C  A "C3'" 
156 O  "O3'" . C  A 8 ? 0.2706 0.1680 0.7774 0.0007  0.0435  0.0317  8   C  A "O3'" 
157 C  "C2'" . C  A 8 ? 0.1910 0.3139 0.3504 -0.0621 0.0373  -0.0225 8   C  A "C2'" 
158 O  "O2'" . C  A 8 ? 0.1963 0.5265 0.4108 0.0025  -0.2290 0.1951  8   C  A "O2'" 
159 C  "C1'" . C  A 8 ? 0.1686 0.2075 0.4940 -0.0811 -0.0503 -0.0292 8   C  A "C1'" 
160 N  N1    . C  A 8 ? 0.2315 0.3064 0.0628 0.0124  0.0306  -0.0942 8   C  A N1    
161 C  C2    . C  A 8 ? 0.1762 0.3463 0.0301 0.0535  0.0262  0.0185  8   C  A C2    
162 O  O2    . C  A 8 ? 0.3491 0.5042 0.0399 0.1781  -0.0597 -0.0702 8   C  A O2    
163 N  N3    . C  A 8 ? 0.1034 0.4871 0.1475 0.0761  -0.0200 -0.0360 8   C  A N3    
164 C  C4    . C  A 8 ? 0.2349 0.5287 0.1837 0.0126  0.1033  0.2386  8   C  A C4    
165 N  N4    . C  A 8 ? 0.2092 0.7392 0.3417 0.1533  -0.1028 0.0061  8   C  A N4    
166 C  C5    . C  A 8 ? 0.0642 0.2937 0.2691 -0.0827 -0.0755 0.0663  8   C  A C5    
167 C  C6    . C  A 8 ? 0.1859 0.2870 0.1070 -0.0063 -0.0250 -0.0264 8   C  A C6    
168 O  "O5'" . G  B 1 ? 0.9175 0.0314 2.4128 0.0373  0.2074  -0.0939 9   G  B "O5'" 
169 C  "C5'" . G  B 1 ? 0.6550 0.3640 0.9232 -0.1342 -0.0884 0.0137  9   G  B "C5'" 
170 C  "C4'" . G  B 1 ? 0.2817 0.3320 0.7449 0.0776  -0.0918 0.0397  9   G  B "C4'" 
171 O  "O4'" . G  B 1 ? 0.2449 0.2178 0.4209 -0.2023 -0.1049 0.1427  9   G  B "O4'" 
172 C  "C3'" . G  B 1 ? 0.3833 0.3948 0.6044 -0.0884 -0.0634 0.0535  9   G  B "C3'" 
173 O  "O3'" . G  B 1 ? 0.7742 0.3351 0.7477 -0.1023 -0.0936 0.2529  9   G  B "O3'" 
174 C  "C2'" . G  B 1 ? 0.2458 0.4205 0.2192 -0.0115 -0.1428 -0.0949 9   G  B "C2'" 
175 O  "O2'" . G  B 1 ? 0.1304 0.6321 0.5130 0.2074  0.0928  -0.0998 9   G  B "O2'" 
176 C  "C1'" . G  B 1 ? 0.1810 0.2299 0.0335 -0.1785 -0.0358 0.0410  9   G  B "C1'" 
177 N  N9    . G  B 1 ? 0.1957 0.2341 0.0296 -0.1849 0.0130  -0.0193 9   G  B N9    
178 C  C8    . G  B 1 ? 0.2716 0.2157 0.0286 -0.1808 0.0086  -0.0194 9   G  B C8    
179 N  N7    . G  B 1 ? 0.2818 0.1774 0.0764 -0.1736 -0.0483 0.0708  9   G  B N7    
180 C  C5    . G  B 1 ? 0.1437 0.2180 0.0343 -0.1511 -0.0327 0.0417  9   G  B C5    
181 C  C6    . G  B 1 ? 0.1965 0.2065 0.0257 -0.1761 -0.0086 0.0088  9   G  B C6    
182 O  O6    . G  B 1 ? 0.6062 0.6028 0.0290 0.0461  0.0156  0.0446  9   G  B O6    
183 N  N1    . G  B 1 ? 0.2594 0.1450 0.0847 -0.1017 0.0547  -0.0830 9   G  B N1    
184 C  C2    . G  B 1 ? 0.3439 0.1999 0.0552 -0.2103 -0.0483 0.0035  9   G  B C2    
185 N  N2    . G  B 1 ? 0.4384 0.2178 0.2356 -0.1909 0.0023  -0.1400 9   G  B N2    
186 N  N3    . G  B 1 ? 0.2990 0.1421 0.2246 -0.1786 -0.0188 0.0041  9   G  B N3    
187 C  C4    . G  B 1 ? 0.1435 0.2485 0.0387 -0.1618 -0.0110 0.0198  9   G  B C4    
188 P  P     . U  B 2 ? 0.6724 1.1031 0.4643 -0.0300 -0.2347 0.2459  10  U  B P     
189 O  OP1   . U  B 2 ? 0.7886 1.1633 0.3049 -0.1942 -0.2190 0.1987  10  U  B OP1   
190 O  OP2   . U  B 2 ? 0.6520 1.0576 0.4659 -0.0246 -0.2062 0.1623  10  U  B OP2   
191 O  "O5'" . U  B 2 ? 0.5593 0.6634 0.3260 0.2154  -0.2407 0.1472  10  U  B "O5'" 
192 C  "C5'" . U  B 2 ? 0.3327 0.6124 0.3251 0.1814  -0.1303 0.1098  10  U  B "C5'" 
193 C  "C4'" . U  B 2 ? 0.1736 0.5991 0.5696 0.1890  -0.0951 0.0660  10  U  B "C4'" 
194 O  "O4'" . U  B 2 ? 0.3478 0.7718 0.3262 0.0093  -0.0383 0.2452  10  U  B "O4'" 
195 C  "C3'" . U  B 2 ? 0.3746 0.5823 0.5108 0.1026  0.0707  0.1522  10  U  B "C3'" 
196 O  "O3'" . U  B 2 ? 0.5109 0.7412 0.5556 0.2397  0.0079  0.0697  10  U  B "O3'" 
197 C  "C2'" . U  B 2 ? 0.4651 0.4932 0.4671 0.1783  -0.0658 0.1161  10  U  B "C2'" 
198 O  "O2'" . U  B 2 ? 0.3810 0.3817 0.7765 0.2576  -0.0186 0.0623  10  U  B "O2'" 
199 C  "C1'" . U  B 2 ? 0.3092 0.6315 0.3020 0.0156  0.0003  0.0442  10  U  B "C1'" 
200 N  N1    . U  B 2 ? 0.5707 0.5625 0.2896 -0.0609 0.0317  0.0358  10  U  B N1    
201 C  C2    . U  B 2 ? 0.5298 0.3624 0.0453 0.1063  -0.0903 -0.0047 10  U  B C2    
202 O  O2    . U  B 2 ? 0.5589 0.2949 0.6832 0.2410  -0.0857 -0.3606 10  U  B O2    
203 N  N3    . U  B 2 ? 0.4999 0.3126 0.0653 0.0971  -0.1275 0.0128  10  U  B N3    
204 C  C4    . U  B 2 ? 0.3647 0.3370 0.0690 0.0553  -0.0954 0.0559  10  U  B C4    
205 O  O4    . U  B 2 ? 0.5932 0.4009 0.0880 0.2223  -0.1486 -0.0253 10  U  B O4    
206 C  C5    . U  B 2 ? 0.2174 0.3772 0.1344 0.2228  -0.0006 0.1002  10  U  B C5    
207 C  C6    . U  B 2 ? 0.5139 0.5950 0.3324 0.0390  -0.1166 -0.0936 10  U  B C6    
208 P  P     . G  B 3 ? 0.5975 0.5272 0.8199 0.1900  0.1157  0.0427  11  G  B P     
209 O  OP1   . G  B 3 ? 0.8175 0.5128 0.4179 0.1123  0.4407  0.0377  11  G  B OP1   
210 O  OP2   . G  B 3 ? 0.3604 0.4476 0.5851 0.2670  -0.0750 0.1044  11  G  B OP2   
211 O  "O5'" . G  B 3 ? 0.6636 0.6713 0.4084 0.2493  0.2274  0.0003  11  G  B "O5'" 
212 C  "C5'" . G  B 3 ? 0.6086 0.3435 0.2391 0.0894  0.0440  0.1509  11  G  B "C5'" 
213 C  "C4'" . G  B 3 ? 0.4075 0.2239 0.4016 0.1053  0.0819  -0.0076 11  G  B "C4'" 
214 O  "O4'" . G  B 3 ? 0.6129 0.0970 0.3584 0.1173  0.0737  0.0617  11  G  B "O4'" 
215 C  "C3'" . G  B 3 ? 0.5957 0.1918 0.3159 0.0740  0.0772  -0.0852 11  G  B "C3'" 
216 O  "O3'" . G  B 3 ? 0.7356 0.4774 0.4673 0.0315  -0.1480 -0.0714 11  G  B "O3'" 
217 C  "C2'" . G  B 3 ? 0.5247 0.1147 0.4712 0.1201  0.1417  -0.1225 11  G  B "C2'" 
218 O  "O2'" . G  B 3 ? 0.9083 0.2247 0.6089 0.0670  0.1930  -0.3095 11  G  B "O2'" 
219 C  "C1'" . G  B 3 ? 0.5039 0.0893 0.3322 0.0193  0.1965  -0.1116 11  G  B "C1'" 
220 N  N9    . G  B 3 ? 0.5136 0.0619 0.3772 -0.0911 0.2430  -0.1127 11  G  B N9    
221 C  C8    . G  B 3 ? 0.5435 0.1739 0.4409 -0.1548 0.1719  -0.0054 11  G  B C8    
222 N  N7    . G  B 3 ? 0.4912 0.4296 0.3558 -0.1097 0.2383  -0.0006 11  G  B N7    
223 C  C5    . G  B 3 ? 0.3306 0.1743 0.3351 -0.1286 0.1115  -0.0397 11  G  B C5    
224 C  C6    . G  B 3 ? 0.3271 0.1714 0.3761 -0.1231 0.0304  0.0374  11  G  B C6    
225 O  O6    . G  B 3 ? 0.2775 0.2025 0.5889 -0.0416 0.0127  -0.0915 11  G  B O6    
226 N  N1    . G  B 3 ? 0.2376 0.1808 0.3697 -0.1337 0.0277  -0.0299 11  G  B N1    
227 C  C2    . G  B 3 ? 0.1849 0.2190 0.3046 -0.1610 0.0409  0.0504  11  G  B C2    
228 N  N2    . G  B 3 ? 0.2370 0.2336 0.3873 -0.1689 0.1325  0.0374  11  G  B N2    
229 N  N3    . G  B 3 ? 0.5400 0.4612 0.1894 -0.0388 0.2586  0.1019  11  G  B N3    
230 C  C4    . G  B 3 ? 0.3604 0.1877 0.3659 -0.1470 0.1869  -0.1136 11  G  B C4    
231 P  P     . U  B 4 ? 0.6992 0.4195 0.6682 -0.0439 -0.1318 0.0089  12  U  B P     
232 O  OP1   . U  B 4 ? 0.6343 0.7270 0.4529 -0.1783 -0.0031 -0.0981 12  U  B OP1   
233 O  OP2   . U  B 4 ? 0.6972 0.3649 0.5760 0.0231  -0.1238 0.2916  12  U  B OP2   
234 O  "O5'" . U  B 4 ? 0.3799 0.4524 0.5623 -0.0162 -0.0460 -0.1959 12  U  B "O5'" 
235 C  "C5'" . U  B 4 ? 0.3186 0.6367 0.4075 -0.1370 -0.2373 -0.2117 12  U  B "C5'" 
236 C  "C4'" . U  B 4 ? 0.3429 0.4606 0.4244 0.0820  -0.0640 -0.0584 12  U  B "C4'" 
237 O  "O4'" . U  B 4 ? 0.3336 0.5532 0.2829 0.0034  -0.1069 -0.1520 12  U  B "O4'" 
238 C  "C3'" . U  B 4 ? 0.2901 0.5223 0.5329 0.0621  -0.0888 -0.0952 12  U  B "C3'" 
239 O  "O3'" . U  B 4 ? 0.1989 0.7100 0.8553 -0.0045 -0.1152 -0.2155 12  U  B "O3'" 
240 C  "C2'" . U  B 4 ? 0.1902 0.3488 0.5491 -0.0321 -0.0148 -0.0054 12  U  B "C2'" 
241 O  "O2'" . U  B 4 ? 0.2646 0.2837 0.9962 -0.0594 -0.0124 0.0554  12  U  B "O2'" 
242 C  "C1'" . U  B 4 ? 0.1998 0.2620 0.2899 -0.0973 -0.0805 -0.0784 12  U  B "C1'" 
243 N  N1    . U  B 4 ? 0.2840 0.1486 0.3217 -0.0922 0.0848  -0.0196 12  U  B N1    
244 C  C2    . U  B 4 ? 0.1982 0.1019 0.4049 -0.1078 0.0473  0.0292  12  U  B C2    
245 O  O2    . U  B 4 ? 0.4868 0.1825 0.4637 0.1455  0.1735  0.0900  12  U  B O2    
246 N  N3    . U  B 4 ? 0.2525 0.1495 0.3347 -0.1618 0.0796  -0.0066 12  U  B N3    
247 C  C4    . U  B 4 ? 0.2925 0.2074 0.2521 -0.1905 -0.0057 -0.0240 12  U  B C4    
248 O  O4    . U  B 4 ? 0.2808 0.3402 0.5933 -0.2311 0.0989  0.0138  12  U  B O4    
249 C  C5    . U  B 4 ? 0.2482 0.1938 0.4238 -0.1540 -0.0957 -0.0830 12  U  B C5    
250 C  C6    . U  B 4 ? 0.2445 0.2233 0.3371 -0.1226 0.0428  0.0510  12  U  B C6    
251 P  P     . A  B 5 ? 0.4646 0.5939 0.6795 0.1198  0.0017  0.0806  13  A  B P     
252 O  OP1   . A  B 5 ? 0.6112 0.7726 0.5422 0.0873  0.3021  -0.0500 13  A  B OP1   
253 O  OP2   . A  B 5 ? 0.3127 0.3426 0.6975 0.1292  0.0814  -0.0947 13  A  B OP2   
254 O  "O5'" . A  B 5 ? 0.1483 0.5332 0.5999 -0.0403 0.1578  -0.0699 13  A  B "O5'" 
255 C  "C5'" . A  B 5 ? 0.2062 0.6070 0.5690 0.0051  0.0797  0.0311  13  A  B "C5'" 
256 C  "C4'" . A  B 5 ? 0.2856 0.3879 0.6302 0.0541  -0.0286 0.0338  13  A  B "C4'" 
257 O  "O4'" . A  B 5 ? 0.1938 0.5158 0.6013 0.0326  -0.0986 0.1630  13  A  B "O4'" 
258 C  "C3'" . A  B 5 ? 0.3686 0.4351 0.6474 -0.0343 -0.0169 0.0641  13  A  B "C3'" 
259 O  "O3'" . A  B 5 ? 0.4310 0.5396 0.8764 -0.0044 0.0765  0.1646  13  A  B "O3'" 
260 C  "C2'" . A  B 5 ? 0.3860 0.2433 0.5013 0.0319  0.0632  0.1468  13  A  B "C2'" 
261 O  "O2'" . A  B 5 ? 0.6572 0.2268 0.6703 0.0983  0.1761  0.3058  13  A  B "O2'" 
262 C  "C1'" . A  B 5 ? 0.4413 0.2333 0.6187 -0.0530 0.0230  0.0259  13  A  B "C1'" 
263 N  N9    . A  B 5 ? 0.5197 0.2628 0.5452 0.0084  -0.0477 0.0987  13  A  B N9    
264 C  C8    . A  B 5 ? 0.4734 0.0341 0.5005 -0.0163 0.0030  -0.0623 13  A  B C8    
265 N  N7    . A  B 5 ? 0.2242 0.3024 0.7504 -0.0255 -0.0153 -0.0407 13  A  B N7    
266 C  C5    . A  B 5 ? 0.5306 0.1386 0.4696 -0.0259 -0.0327 -0.0197 13  A  B C5    
267 C  C6    . A  B 5 ? 0.4978 0.2026 0.3926 0.0062  -0.1674 -0.2357 13  A  B C6    
268 N  N6    . A  B 5 ? 0.6589 0.5301 0.6684 0.0401  0.1461  -0.1713 13  A  B N6    
269 N  N1    . A  B 5 ? 0.6457 0.0653 0.3165 0.1404  -0.1581 0.0095  13  A  B N1    
270 C  C2    . A  B 5 ? 0.5312 0.1032 0.4398 0.1756  -0.1149 0.0412  13  A  B C2    
271 N  N3    . A  B 5 ? 0.4353 0.1367 0.4945 0.2136  -0.2273 -0.1122 13  A  B N3    
272 C  C4    . A  B 5 ? 0.5304 0.0789 0.3299 0.0454  -0.1280 -0.0799 13  A  B C4    
273 P  P     . U  B 6 ? 0.6286 0.5025 0.6455 0.0902  -0.0521 0.0625  14  U  B P     
274 O  OP1   . U  B 6 ? 0.5268 0.7093 0.7366 0.1842  -0.1229 0.1574  14  U  B OP1   
275 O  OP2   . U  B 6 ? 0.3901 0.2684 0.6573 0.1003  -0.0129 0.1883  14  U  B OP2   
276 O  "O5'" . U  B 6 ? 0.5728 0.2717 0.5405 0.2835  -0.0990 0.0377  14  U  B "O5'" 
277 C  "C5'" . U  B 6 ? 0.4281 0.5892 0.4932 0.1123  0.1048  0.1546  14  U  B "C5'" 
278 C  "C4'" . U  B 6 ? 0.5538 0.4028 0.5572 0.0964  -0.0670 -0.0091 14  U  B "C4'" 
279 O  "O4'" . U  B 6 ? 0.6705 0.5511 0.6202 0.0901  -0.0025 -0.0854 14  U  B "O4'" 
280 C  "C3'" . U  B 6 ? 0.6575 0.4045 0.4027 0.0340  -0.0112 -0.1217 14  U  B "C3'" 
281 O  "O3'" . U  B 6 ? 0.7339 0.6210 0.3730 0.2129  -0.0148 -0.1240 14  U  B "O3'" 
282 C  "C2'" . U  B 6 ? 0.6815 0.3447 0.2287 0.0890  -0.1809 -0.0774 14  U  B "C2'" 
283 O  "O2'" . U  B 6 ? 0.9495 0.5558 0.1857 0.2300  -0.1029 0.1922  14  U  B "O2'" 
284 C  "C1'" . U  B 6 ? 0.6782 0.2915 0.0446 0.0535  -0.0856 0.0013  14  U  B "C1'" 
285 N  N1    . U  B 6 ? 0.5736 0.3086 0.0519 0.0254  -0.1134 0.0241  14  U  B N1    
286 C  C2    . U  B 6 ? 0.7009 0.3960 0.0687 0.0163  -0.1164 -0.0131 14  U  B C2    
287 O  O2    . U  B 6 ? 0.9902 0.0970 0.4719 0.0522  -0.4268 -0.1499 14  U  B O2    
288 N  N3    . U  B 6 ? 0.7298 0.1493 0.0664 0.0541  -0.1662 0.0025  14  U  B N3    
289 C  C4    . U  B 6 ? 0.4883 0.3316 0.2384 0.0112  -0.1076 -0.0380 14  U  B C4    
290 O  O4    . U  B 6 ? 0.4139 0.2992 0.2976 0.1434  0.0052  0.0084  14  U  B O4    
291 C  C5    . U  B 6 ? 0.5165 0.3014 0.0866 0.0700  -0.0503 -0.0053 14  U  B C5    
292 C  C6    . U  B 6 ? 0.5699 0.2568 0.0634 0.0894  -0.1423 -0.0379 14  U  B C6    
293 P  P     . A  B 7 ? 0.7861 0.5971 0.3715 0.0972  0.0323  -0.0549 15  A  B P     
294 O  OP1   . A  B 7 ? 1.0135 0.8281 0.2119 0.2562  0.0373  0.1657  15  A  B OP1   
295 O  OP2   . A  B 7 ? 1.3068 0.2608 0.2892 0.1880  0.1846  0.0830  15  A  B OP2   
296 O  "O5'" . A  B 7 ? 0.7066 0.4620 0.5873 0.1044  0.1320  -0.1004 15  A  B "O5'" 
297 C  "C5'" . A  B 7 ? 0.2876 0.4848 0.7592 -0.0344 0.1192  -0.0040 15  A  B "C5'" 
298 C  "C4'" . A  B 7 ? 0.1573 0.2134 0.8371 0.1553  -0.0135 0.0512  15  A  B "C4'" 
299 O  "O4'" . A  B 7 ? 0.1967 0.1802 0.7142 0.0339  0.0807  0.0910  15  A  B "O4'" 
300 C  "C3'" . A  B 7 ? 0.4867 0.2934 0.8063 0.0459  0.0255  0.0713  15  A  B "C3'" 
301 O  "O3'" . A  B 7 ? 0.6384 0.5899 1.2457 0.1858  0.0422  -0.2068 15  A  B "O3'" 
302 C  "C2'" . A  B 7 ? 0.5438 0.1361 0.8653 0.1135  0.0630  0.0071  15  A  B "C2'" 
303 O  "O2'" . A  B 7 ? 0.7151 0.4227 0.6632 0.2248  0.0905  0.2330  15  A  B "O2'" 
304 C  "C1'" . A  B 7 ? 0.5071 0.0949 0.6127 -0.0607 0.0826  0.0741  15  A  B "C1'" 
305 N  N9    . A  B 7 ? 0.5507 0.2165 0.5447 0.0727  0.0351  0.1274  15  A  B N9    
306 C  C8    . A  B 7 ? 0.5617 0.1770 0.6521 0.0233  0.0549  0.1734  15  A  B C8    
307 N  N7    . A  B 7 ? 0.5968 0.2468 0.6637 0.1060  0.0328  0.0873  15  A  B N7    
308 C  C5    . A  B 7 ? 0.6024 0.2400 0.4529 0.0540  0.0510  0.0594  15  A  B C5    
309 C  C6    . A  B 7 ? 0.3617 0.1166 0.4728 -0.0068 -0.0101 0.0212  15  A  B C6    
310 N  N6    . A  B 7 ? 0.7000 0.2162 0.5893 0.0481  -0.1605 -0.0340 15  A  B N6    
311 N  N1    . A  B 7 ? 0.2297 0.2559 0.5428 0.2060  -0.1313 -0.0325 15  A  B N1    
312 C  C2    . A  B 7 ? 0.3721 0.2721 0.2577 0.2863  0.0793  0.1130  15  A  B C2    
313 N  N3    . A  B 7 ? 0.2843 0.2535 0.3115 0.2409  0.1105  0.1340  15  A  B N3    
314 C  C4    . A  B 7 ? 0.4892 0.0846 0.5960 -0.0749 0.0064  0.1304  15  A  B C4    
315 P  P     . C  B 8 ? 0.7149 0.4472 0.8005 -0.0848 0.1224  -0.0843 16  C  B P     
316 O  OP1   . C  B 8 ? 0.7470 0.1319 1.2066 -0.0129 0.1313  -0.3529 16  C  B OP1   
317 O  OP2   . C  B 8 ? 0.1266 0.2389 0.9941 0.0970  0.1521  -0.0039 16  C  B OP2   
318 O  "O5'" . C  B 8 ? 0.8696 0.1150 0.9264 -0.0026 0.1121  0.2815  16  C  B "O5'" 
319 C  "C5'" . C  B 8 ? 0.5269 0.2948 0.5102 0.2216  0.0768  -0.0123 16  C  B "C5'" 
320 C  "C4'" . C  B 8 ? 0.6490 0.3868 0.4345 0.3537  0.2103  -0.0299 16  C  B "C4'" 
321 O  "O4'" . C  B 8 ? 0.6249 0.2940 0.1600 0.2087  0.2816  0.0765  16  C  B "O4'" 
322 C  "C3'" . C  B 8 ? 0.5929 0.6978 0.2639 0.5433  0.2564  0.1086  16  C  B "C3'" 
323 O  "O3'" . C  B 8 ? 0.8358 0.7092 0.3069 0.6219  0.2179  0.2478  16  C  B "O3'" 
324 C  "C2'" . C  B 8 ? 0.2705 0.2845 0.1614 0.2247  0.1659  0.1215  16  C  B "C2'" 
325 O  "O2'" . C  B 8 ? 0.1498 1.0715 0.7285 0.3608  0.0471  0.1447  16  C  B "O2'" 
326 C  "C1'" . C  B 8 ? 0.2981 0.2801 0.0805 0.0413  0.1021  0.0403  16  C  B "C1'" 
327 N  N1    . C  B 8 ? 0.2922 0.1592 0.2793 0.0329  0.0905  0.0385  16  C  B N1    
328 C  C2    . C  B 8 ? 0.1296 0.1330 0.2856 -0.0413 0.1092  0.0723  16  C  B C2    
329 O  O2    . C  B 8 ? 0.1390 0.2193 0.5446 -0.0856 0.0736  0.1919  16  C  B O2    
330 N  N3    . C  B 8 ? 0.2127 0.0448 0.3377 -0.0064 0.0534  0.0386  16  C  B N3    
331 C  C4    . C  B 8 ? 0.1880 0.1363 0.2018 -0.0312 0.0085  0.0317  16  C  B C4    
332 N  N4    . C  B 8 ? 0.3133 0.2155 0.3357 -0.0321 -0.0111 -0.1175 16  C  B N4    
333 C  C5    . C  B 8 ? 0.3365 0.1395 0.2053 0.0622  0.0104  0.0452  16  C  B C5    
334 C  C6    . C  B 8 ? 0.2272 0.0475 0.3663 0.0609  0.0595  -0.0171 16  C  B C6    
335 SR SR    . SR C . ? 1.0484 1.0395 1.6831 0.3176  0.2170  0.5441  101 SR A SR    
336 SR SR    . SR D . ? 1.6938 0.5239 1.1252 -0.0759 -0.1145 -0.1678 102 SR A SR    
337 SR SR    . SR E . ? 0.2993 0.1417 0.3759 -0.1373 0.1318  -0.0254 103 SR A SR    
338 SR SR    . SR F . ? 0.6695 0.1508 0.4421 0.1227  0.2411  0.0798  104 SR A SR    
339 SR SR    . SR G . ? 1.9047 0.8243 0.7483 0.0025  -0.3198 0.1163  101 SR B SR    
# 
loop_
_pdbx_poly_seq_scheme.asym_id 
_pdbx_poly_seq_scheme.entity_id 
_pdbx_poly_seq_scheme.seq_id 
_pdbx_poly_seq_scheme.mon_id 
_pdbx_poly_seq_scheme.ndb_seq_num 
_pdbx_poly_seq_scheme.pdb_seq_num 
_pdbx_poly_seq_scheme.auth_seq_num 
_pdbx_poly_seq_scheme.pdb_mon_id 
_pdbx_poly_seq_scheme.auth_mon_id 
_pdbx_poly_seq_scheme.pdb_strand_id 
_pdbx_poly_seq_scheme.pdb_ins_code 
_pdbx_poly_seq_scheme.hetero 
A 1 1 G 1 1  1  G G A . n 
A 1 2 U 2 2  2  U U A . n 
A 1 3 G 3 3  3  G G A . n 
A 1 4 U 4 4  4  U U A . n 
A 1 5 A 5 5  5  A A A . n 
A 1 6 U 6 6  6  U U A . n 
A 1 7 A 7 7  7  A A A . n 
A 1 8 C 8 8  8  C C A . n 
B 1 1 G 1 9  9  G G B . n 
B 1 2 U 2 10 10 U U B . n 
B 1 3 G 3 11 11 G G B . n 
B 1 4 U 4 12 12 U U B . n 
B 1 5 A 5 13 13 A A B . n 
B 1 6 U 6 14 14 U U B . n 
B 1 7 A 7 15 15 A A B . n 
B 1 8 C 8 16 16 C C B . n 
# 
loop_
_pdbx_nonpoly_scheme.asym_id 
_pdbx_nonpoly_scheme.entity_id 
_pdbx_nonpoly_scheme.mon_id 
_pdbx_nonpoly_scheme.ndb_seq_num 
_pdbx_nonpoly_scheme.pdb_seq_num 
_pdbx_nonpoly_scheme.auth_seq_num 
_pdbx_nonpoly_scheme.pdb_mon_id 
_pdbx_nonpoly_scheme.auth_mon_id 
_pdbx_nonpoly_scheme.pdb_strand_id 
_pdbx_nonpoly_scheme.pdb_ins_code 
C 2 SR 1 101 1 SR SR A . 
D 2 SR 1 102 1 SR SR A . 
E 2 SR 1 103 1 SR SR A . 
F 2 SR 1 104 1 SR SR A . 
G 2 SR 1 101 1 SR SR B . 
# 
_pdbx_struct_assembly.id                   1 
_pdbx_struct_assembly.details              author_and_software_defined_assembly 
_pdbx_struct_assembly.method_details       PISA 
_pdbx_struct_assembly.oligomeric_details   dimeric 
_pdbx_struct_assembly.oligomeric_count     2 
# 
_pdbx_struct_assembly_gen.assembly_id       1 
_pdbx_struct_assembly_gen.oper_expression   1 
_pdbx_struct_assembly_gen.asym_id_list      A,B,C,D,E,F,G 
# 
loop_
_pdbx_struct_assembly_prop.biol_id 
_pdbx_struct_assembly_prop.type 
_pdbx_struct_assembly_prop.value 
_pdbx_struct_assembly_prop.details 
1 'ABSA (A^2)' 1630 ? 
1 MORE         -118 ? 
1 'SSA (A^2)'  2830 ? 
# 
_pdbx_struct_oper_list.id                   1 
_pdbx_struct_oper_list.type                 'identity operation' 
_pdbx_struct_oper_list.name                 1_555 
_pdbx_struct_oper_list.symmetry_operation   x,y,z 
_pdbx_struct_oper_list.matrix[1][1]         1.0000000000 
_pdbx_struct_oper_list.matrix[1][2]         0.0000000000 
_pdbx_struct_oper_list.matrix[1][3]         0.0000000000 
_pdbx_struct_oper_list.vector[1]            0.0000000000 
_pdbx_struct_oper_list.matrix[2][1]         0.0000000000 
_pdbx_struct_oper_list.matrix[2][2]         1.0000000000 
_pdbx_struct_oper_list.matrix[2][3]         0.0000000000 
_pdbx_struct_oper_list.vector[2]            0.0000000000 
_pdbx_struct_oper_list.matrix[3][1]         0.0000000000 
_pdbx_struct_oper_list.matrix[3][2]         0.0000000000 
_pdbx_struct_oper_list.matrix[3][3]         1.0000000000 
_pdbx_struct_oper_list.vector[3]            0.0000000000 
# 
loop_
_pdbx_struct_conn_angle.id 
_pdbx_struct_conn_angle.ptnr1_label_atom_id 
_pdbx_struct_conn_angle.ptnr1_label_alt_id 
_pdbx_struct_conn_angle.ptnr1_label_asym_id 
_pdbx_struct_conn_angle.ptnr1_label_comp_id 
_pdbx_struct_conn_angle.ptnr1_label_seq_id 
_pdbx_struct_conn_angle.ptnr1_auth_atom_id 
_pdbx_struct_conn_angle.ptnr1_auth_asym_id 
_pdbx_struct_conn_angle.ptnr1_auth_comp_id 
_pdbx_struct_conn_angle.ptnr1_auth_seq_id 
_pdbx_struct_conn_angle.ptnr1_PDB_ins_code 
_pdbx_struct_conn_angle.ptnr1_symmetry 
_pdbx_struct_conn_angle.ptnr2_label_atom_id 
_pdbx_struct_conn_angle.ptnr2_label_alt_id 
_pdbx_struct_conn_angle.ptnr2_label_asym_id 
_pdbx_struct_conn_angle.ptnr2_label_comp_id 
_pdbx_struct_conn_angle.ptnr2_label_seq_id 
_pdbx_struct_conn_angle.ptnr2_auth_atom_id 
_pdbx_struct_conn_angle.ptnr2_auth_asym_id 
_pdbx_struct_conn_angle.ptnr2_auth_comp_id 
_pdbx_struct_conn_angle.ptnr2_auth_seq_id 
_pdbx_struct_conn_angle.ptnr2_PDB_ins_code 
_pdbx_struct_conn_angle.ptnr2_symmetry 
_pdbx_struct_conn_angle.ptnr3_label_atom_id 
_pdbx_struct_conn_angle.ptnr3_label_alt_id 
_pdbx_struct_conn_angle.ptnr3_label_asym_id 
_pdbx_struct_conn_angle.ptnr3_label_comp_id 
_pdbx_struct_conn_angle.ptnr3_label_seq_id 
_pdbx_struct_conn_angle.ptnr3_auth_atom_id 
_pdbx_struct_conn_angle.ptnr3_auth_asym_id 
_pdbx_struct_conn_angle.ptnr3_auth_comp_id 
_pdbx_struct_conn_angle.ptnr3_auth_seq_id 
_pdbx_struct_conn_angle.ptnr3_PDB_ins_code 
_pdbx_struct_conn_angle.ptnr3_symmetry 
_pdbx_struct_conn_angle.value 
_pdbx_struct_conn_angle.value_esd 
1 "O2'" ? A C 8 ? A C 8 ? 1_555 SR ? E SR . ? A SR 103 ? 1_555 "O3'" ? A C 8 ? A C 8 ? 1_555 64.8 ? 
2 "O2'" ? A C 8 ? A C 8 ? 1_555 SR ? E SR . ? A SR 103 ? 1_555 "O3'" ? A C 8 ? A C 8 ? 1_555 64.8 ? 
3 "O3'" ? A C 8 ? A C 8 ? 1_555 SR ? E SR . ? A SR 103 ? 1_555 "O3'" ? A C 8 ? A C 8 ? 1_555 0.0  ? 
# 
loop_
_pdbx_audit_revision_history.ordinal 
_pdbx_audit_revision_history.data_content_type 
_pdbx_audit_revision_history.major_revision 
_pdbx_audit_revision_history.minor_revision 
_pdbx_audit_revision_history.revision_date 
1 'Structure model' 1 0 2014-01-29 
2 'Structure model' 1 1 2023-09-20 
# 
_pdbx_audit_revision_details.ordinal             1 
_pdbx_audit_revision_details.revision_ordinal    1 
_pdbx_audit_revision_details.data_content_type   'Structure model' 
_pdbx_audit_revision_details.provider            repository 
_pdbx_audit_revision_details.type                'Initial release' 
_pdbx_audit_revision_details.description         ? 
_pdbx_audit_revision_details.details             ? 
# 
loop_
_pdbx_audit_revision_group.ordinal 
_pdbx_audit_revision_group.revision_ordinal 
_pdbx_audit_revision_group.data_content_type 
_pdbx_audit_revision_group.group 
1 2 'Structure model' 'Data collection'        
2 2 'Structure model' 'Database references'    
3 2 'Structure model' 'Derived calculations'   
4 2 'Structure model' 'Refinement description' 
# 
loop_
_pdbx_audit_revision_category.ordinal 
_pdbx_audit_revision_category.revision_ordinal 
_pdbx_audit_revision_category.data_content_type 
_pdbx_audit_revision_category.category 
1 2 'Structure model' chem_comp_atom                
2 2 'Structure model' chem_comp_bond                
3 2 'Structure model' database_2                    
4 2 'Structure model' pdbx_initial_refinement_model 
5 2 'Structure model' struct_conn                   
6 2 'Structure model' struct_site                   
# 
loop_
_pdbx_audit_revision_item.ordinal 
_pdbx_audit_revision_item.revision_ordinal 
_pdbx_audit_revision_item.data_content_type 
_pdbx_audit_revision_item.item 
1  2 'Structure model' '_database_2.pdbx_DOI'                
2  2 'Structure model' '_database_2.pdbx_database_accession' 
3  2 'Structure model' '_struct_conn.pdbx_dist_value'        
4  2 'Structure model' '_struct_conn.ptnr1_auth_asym_id'     
5  2 'Structure model' '_struct_conn.ptnr1_auth_comp_id'     
6  2 'Structure model' '_struct_conn.ptnr1_auth_seq_id'      
7  2 'Structure model' '_struct_conn.ptnr1_label_asym_id'    
8  2 'Structure model' '_struct_conn.ptnr1_label_atom_id'    
9  2 'Structure model' '_struct_conn.ptnr1_label_comp_id'    
10 2 'Structure model' '_struct_conn.ptnr1_label_seq_id'     
11 2 'Structure model' '_struct_conn.ptnr2_auth_asym_id'     
12 2 'Structure model' '_struct_conn.ptnr2_auth_seq_id'      
13 2 'Structure model' '_struct_conn.ptnr2_label_asym_id'    
14 2 'Structure model' '_struct_conn.ptnr2_symmetry'         
15 2 'Structure model' '_struct_site.pdbx_auth_asym_id'      
16 2 'Structure model' '_struct_site.pdbx_auth_comp_id'      
17 2 'Structure model' '_struct_site.pdbx_auth_seq_id'       
# 
loop_
_software.name 
_software.classification 
_software.version 
_software.citation_id 
_software.pdbx_ordinal 
HKL-2000 'data collection' .        ? 1 
PHASER   phasing           .        ? 2 
REFMAC   refinement        5.6.0117 ? 3 
HKL-2000 'data reduction'  .        ? 4 
HKL-2000 'data scaling'    .        ? 5 
# 
loop_
_pdbx_validate_rmsd_angle.id 
_pdbx_validate_rmsd_angle.PDB_model_num 
_pdbx_validate_rmsd_angle.auth_atom_id_1 
_pdbx_validate_rmsd_angle.auth_asym_id_1 
_pdbx_validate_rmsd_angle.auth_comp_id_1 
_pdbx_validate_rmsd_angle.auth_seq_id_1 
_pdbx_validate_rmsd_angle.PDB_ins_code_1 
_pdbx_validate_rmsd_angle.label_alt_id_1 
_pdbx_validate_rmsd_angle.auth_atom_id_2 
_pdbx_validate_rmsd_angle.auth_asym_id_2 
_pdbx_validate_rmsd_angle.auth_comp_id_2 
_pdbx_validate_rmsd_angle.auth_seq_id_2 
_pdbx_validate_rmsd_angle.PDB_ins_code_2 
_pdbx_validate_rmsd_angle.label_alt_id_2 
_pdbx_validate_rmsd_angle.auth_atom_id_3 
_pdbx_validate_rmsd_angle.auth_asym_id_3 
_pdbx_validate_rmsd_angle.auth_comp_id_3 
_pdbx_validate_rmsd_angle.auth_seq_id_3 
_pdbx_validate_rmsd_angle.PDB_ins_code_3 
_pdbx_validate_rmsd_angle.label_alt_id_3 
_pdbx_validate_rmsd_angle.angle_value 
_pdbx_validate_rmsd_angle.angle_target_value 
_pdbx_validate_rmsd_angle.angle_deviation 
_pdbx_validate_rmsd_angle.angle_standard_deviation 
_pdbx_validate_rmsd_angle.linker_flag 
1 1 "C3'" A G 3  ? ? "O3'" A G 3  ? ? P A U 4  ? ? 111.89 119.70 -7.81  1.20 Y 
2 1 "C3'" B G 11 ? ? "O3'" B G 11 ? ? P B U 12 ? ? 108.67 119.70 -11.03 1.20 Y 
# 
loop_
_chem_comp_atom.comp_id 
_chem_comp_atom.atom_id 
_chem_comp_atom.type_symbol 
_chem_comp_atom.pdbx_aromatic_flag 
_chem_comp_atom.pdbx_stereo_config 
_chem_comp_atom.pdbx_ordinal 
A  OP3    O  N N 1   
A  P      P  N N 2   
A  OP1    O  N N 3   
A  OP2    O  N N 4   
A  "O5'"  O  N N 5   
A  "C5'"  C  N N 6   
A  "C4'"  C  N R 7   
A  "O4'"  O  N N 8   
A  "C3'"  C  N S 9   
A  "O3'"  O  N N 10  
A  "C2'"  C  N R 11  
A  "O2'"  O  N N 12  
A  "C1'"  C  N R 13  
A  N9     N  Y N 14  
A  C8     C  Y N 15  
A  N7     N  Y N 16  
A  C5     C  Y N 17  
A  C6     C  Y N 18  
A  N6     N  N N 19  
A  N1     N  Y N 20  
A  C2     C  Y N 21  
A  N3     N  Y N 22  
A  C4     C  Y N 23  
A  HOP3   H  N N 24  
A  HOP2   H  N N 25  
A  "H5'"  H  N N 26  
A  "H5''" H  N N 27  
A  "H4'"  H  N N 28  
A  "H3'"  H  N N 29  
A  "HO3'" H  N N 30  
A  "H2'"  H  N N 31  
A  "HO2'" H  N N 32  
A  "H1'"  H  N N 33  
A  H8     H  N N 34  
A  H61    H  N N 35  
A  H62    H  N N 36  
A  H2     H  N N 37  
C  OP3    O  N N 38  
C  P      P  N N 39  
C  OP1    O  N N 40  
C  OP2    O  N N 41  
C  "O5'"  O  N N 42  
C  "C5'"  C  N N 43  
C  "C4'"  C  N R 44  
C  "O4'"  O  N N 45  
C  "C3'"  C  N S 46  
C  "O3'"  O  N N 47  
C  "C2'"  C  N R 48  
C  "O2'"  O  N N 49  
C  "C1'"  C  N R 50  
C  N1     N  N N 51  
C  C2     C  N N 52  
C  O2     O  N N 53  
C  N3     N  N N 54  
C  C4     C  N N 55  
C  N4     N  N N 56  
C  C5     C  N N 57  
C  C6     C  N N 58  
C  HOP3   H  N N 59  
C  HOP2   H  N N 60  
C  "H5'"  H  N N 61  
C  "H5''" H  N N 62  
C  "H4'"  H  N N 63  
C  "H3'"  H  N N 64  
C  "HO3'" H  N N 65  
C  "H2'"  H  N N 66  
C  "HO2'" H  N N 67  
C  "H1'"  H  N N 68  
C  H41    H  N N 69  
C  H42    H  N N 70  
C  H5     H  N N 71  
C  H6     H  N N 72  
G  OP3    O  N N 73  
G  P      P  N N 74  
G  OP1    O  N N 75  
G  OP2    O  N N 76  
G  "O5'"  O  N N 77  
G  "C5'"  C  N N 78  
G  "C4'"  C  N R 79  
G  "O4'"  O  N N 80  
G  "C3'"  C  N S 81  
G  "O3'"  O  N N 82  
G  "C2'"  C  N R 83  
G  "O2'"  O  N N 84  
G  "C1'"  C  N R 85  
G  N9     N  Y N 86  
G  C8     C  Y N 87  
G  N7     N  Y N 88  
G  C5     C  Y N 89  
G  C6     C  N N 90  
G  O6     O  N N 91  
G  N1     N  N N 92  
G  C2     C  N N 93  
G  N2     N  N N 94  
G  N3     N  N N 95  
G  C4     C  Y N 96  
G  HOP3   H  N N 97  
G  HOP2   H  N N 98  
G  "H5'"  H  N N 99  
G  "H5''" H  N N 100 
G  "H4'"  H  N N 101 
G  "H3'"  H  N N 102 
G  "HO3'" H  N N 103 
G  "H2'"  H  N N 104 
G  "HO2'" H  N N 105 
G  "H1'"  H  N N 106 
G  H8     H  N N 107 
G  H1     H  N N 108 
G  H21    H  N N 109 
G  H22    H  N N 110 
SR SR     SR N N 111 
U  OP3    O  N N 112 
U  P      P  N N 113 
U  OP1    O  N N 114 
U  OP2    O  N N 115 
U  "O5'"  O  N N 116 
U  "C5'"  C  N N 117 
U  "C4'"  C  N R 118 
U  "O4'"  O  N N 119 
U  "C3'"  C  N S 120 
U  "O3'"  O  N N 121 
U  "C2'"  C  N R 122 
U  "O2'"  O  N N 123 
U  "C1'"  C  N R 124 
U  N1     N  N N 125 
U  C2     C  N N 126 
U  O2     O  N N 127 
U  N3     N  N N 128 
U  C4     C  N N 129 
U  O4     O  N N 130 
U  C5     C  N N 131 
U  C6     C  N N 132 
U  HOP3   H  N N 133 
U  HOP2   H  N N 134 
U  "H5'"  H  N N 135 
U  "H5''" H  N N 136 
U  "H4'"  H  N N 137 
U  "H3'"  H  N N 138 
U  "HO3'" H  N N 139 
U  "H2'"  H  N N 140 
U  "HO2'" H  N N 141 
U  "H1'"  H  N N 142 
U  H3     H  N N 143 
U  H5     H  N N 144 
U  H6     H  N N 145 
# 
loop_
_chem_comp_bond.comp_id 
_chem_comp_bond.atom_id_1 
_chem_comp_bond.atom_id_2 
_chem_comp_bond.value_order 
_chem_comp_bond.pdbx_aromatic_flag 
_chem_comp_bond.pdbx_stereo_config 
_chem_comp_bond.pdbx_ordinal 
A OP3   P      sing N N 1   
A OP3   HOP3   sing N N 2   
A P     OP1    doub N N 3   
A P     OP2    sing N N 4   
A P     "O5'"  sing N N 5   
A OP2   HOP2   sing N N 6   
A "O5'" "C5'"  sing N N 7   
A "C5'" "C4'"  sing N N 8   
A "C5'" "H5'"  sing N N 9   
A "C5'" "H5''" sing N N 10  
A "C4'" "O4'"  sing N N 11  
A "C4'" "C3'"  sing N N 12  
A "C4'" "H4'"  sing N N 13  
A "O4'" "C1'"  sing N N 14  
A "C3'" "O3'"  sing N N 15  
A "C3'" "C2'"  sing N N 16  
A "C3'" "H3'"  sing N N 17  
A "O3'" "HO3'" sing N N 18  
A "C2'" "O2'"  sing N N 19  
A "C2'" "C1'"  sing N N 20  
A "C2'" "H2'"  sing N N 21  
A "O2'" "HO2'" sing N N 22  
A "C1'" N9     sing N N 23  
A "C1'" "H1'"  sing N N 24  
A N9    C8     sing Y N 25  
A N9    C4     sing Y N 26  
A C8    N7     doub Y N 27  
A C8    H8     sing N N 28  
A N7    C5     sing Y N 29  
A C5    C6     sing Y N 30  
A C5    C4     doub Y N 31  
A C6    N6     sing N N 32  
A C6    N1     doub Y N 33  
A N6    H61    sing N N 34  
A N6    H62    sing N N 35  
A N1    C2     sing Y N 36  
A C2    N3     doub Y N 37  
A C2    H2     sing N N 38  
A N3    C4     sing Y N 39  
C OP3   P      sing N N 40  
C OP3   HOP3   sing N N 41  
C P     OP1    doub N N 42  
C P     OP2    sing N N 43  
C P     "O5'"  sing N N 44  
C OP2   HOP2   sing N N 45  
C "O5'" "C5'"  sing N N 46  
C "C5'" "C4'"  sing N N 47  
C "C5'" "H5'"  sing N N 48  
C "C5'" "H5''" sing N N 49  
C "C4'" "O4'"  sing N N 50  
C "C4'" "C3'"  sing N N 51  
C "C4'" "H4'"  sing N N 52  
C "O4'" "C1'"  sing N N 53  
C "C3'" "O3'"  sing N N 54  
C "C3'" "C2'"  sing N N 55  
C "C3'" "H3'"  sing N N 56  
C "O3'" "HO3'" sing N N 57  
C "C2'" "O2'"  sing N N 58  
C "C2'" "C1'"  sing N N 59  
C "C2'" "H2'"  sing N N 60  
C "O2'" "HO2'" sing N N 61  
C "C1'" N1     sing N N 62  
C "C1'" "H1'"  sing N N 63  
C N1    C2     sing N N 64  
C N1    C6     sing N N 65  
C C2    O2     doub N N 66  
C C2    N3     sing N N 67  
C N3    C4     doub N N 68  
C C4    N4     sing N N 69  
C C4    C5     sing N N 70  
C N4    H41    sing N N 71  
C N4    H42    sing N N 72  
C C5    C6     doub N N 73  
C C5    H5     sing N N 74  
C C6    H6     sing N N 75  
G OP3   P      sing N N 76  
G OP3   HOP3   sing N N 77  
G P     OP1    doub N N 78  
G P     OP2    sing N N 79  
G P     "O5'"  sing N N 80  
G OP2   HOP2   sing N N 81  
G "O5'" "C5'"  sing N N 82  
G "C5'" "C4'"  sing N N 83  
G "C5'" "H5'"  sing N N 84  
G "C5'" "H5''" sing N N 85  
G "C4'" "O4'"  sing N N 86  
G "C4'" "C3'"  sing N N 87  
G "C4'" "H4'"  sing N N 88  
G "O4'" "C1'"  sing N N 89  
G "C3'" "O3'"  sing N N 90  
G "C3'" "C2'"  sing N N 91  
G "C3'" "H3'"  sing N N 92  
G "O3'" "HO3'" sing N N 93  
G "C2'" "O2'"  sing N N 94  
G "C2'" "C1'"  sing N N 95  
G "C2'" "H2'"  sing N N 96  
G "O2'" "HO2'" sing N N 97  
G "C1'" N9     sing N N 98  
G "C1'" "H1'"  sing N N 99  
G N9    C8     sing Y N 100 
G N9    C4     sing Y N 101 
G C8    N7     doub Y N 102 
G C8    H8     sing N N 103 
G N7    C5     sing Y N 104 
G C5    C6     sing N N 105 
G C5    C4     doub Y N 106 
G C6    O6     doub N N 107 
G C6    N1     sing N N 108 
G N1    C2     sing N N 109 
G N1    H1     sing N N 110 
G C2    N2     sing N N 111 
G C2    N3     doub N N 112 
G N2    H21    sing N N 113 
G N2    H22    sing N N 114 
G N3    C4     sing N N 115 
U OP3   P      sing N N 116 
U OP3   HOP3   sing N N 117 
U P     OP1    doub N N 118 
U P     OP2    sing N N 119 
U P     "O5'"  sing N N 120 
U OP2   HOP2   sing N N 121 
U "O5'" "C5'"  sing N N 122 
U "C5'" "C4'"  sing N N 123 
U "C5'" "H5'"  sing N N 124 
U "C5'" "H5''" sing N N 125 
U "C4'" "O4'"  sing N N 126 
U "C4'" "C3'"  sing N N 127 
U "C4'" "H4'"  sing N N 128 
U "O4'" "C1'"  sing N N 129 
U "C3'" "O3'"  sing N N 130 
U "C3'" "C2'"  sing N N 131 
U "C3'" "H3'"  sing N N 132 
U "O3'" "HO3'" sing N N 133 
U "C2'" "O2'"  sing N N 134 
U "C2'" "C1'"  sing N N 135 
U "C2'" "H2'"  sing N N 136 
U "O2'" "HO2'" sing N N 137 
U "C1'" N1     sing N N 138 
U "C1'" "H1'"  sing N N 139 
U N1    C2     sing N N 140 
U N1    C6     sing N N 141 
U C2    O2     doub N N 142 
U C2    N3     sing N N 143 
U N3    C4     sing N N 144 
U N3    H3     sing N N 145 
U C4    O4     doub N N 146 
U C4    C5     sing N N 147 
U C5    C6     doub N N 148 
U C5    H5     sing N N 149 
U C6    H6     sing N N 150 
# 
loop_
_ndb_struct_conf_na.entry_id 
_ndb_struct_conf_na.feature 
4JAB 'a-form double helix'  
4JAB 'mismatched base pair' 
# 
loop_
_ndb_struct_na_base_pair.model_number 
_ndb_struct_na_base_pair.i_label_asym_id 
_ndb_struct_na_base_pair.i_label_comp_id 
_ndb_struct_na_base_pair.i_label_seq_id 
_ndb_struct_na_base_pair.i_symmetry 
_ndb_struct_na_base_pair.j_label_asym_id 
_ndb_struct_na_base_pair.j_label_comp_id 
_ndb_struct_na_base_pair.j_label_seq_id 
_ndb_struct_na_base_pair.j_symmetry 
_ndb_struct_na_base_pair.shear 
_ndb_struct_na_base_pair.stretch 
_ndb_struct_na_base_pair.stagger 
_ndb_struct_na_base_pair.buckle 
_ndb_struct_na_base_pair.propeller 
_ndb_struct_na_base_pair.opening 
_ndb_struct_na_base_pair.pair_number 
_ndb_struct_na_base_pair.pair_name 
_ndb_struct_na_base_pair.i_auth_asym_id 
_ndb_struct_na_base_pair.i_auth_seq_id 
_ndb_struct_na_base_pair.i_PDB_ins_code 
_ndb_struct_na_base_pair.j_auth_asym_id 
_ndb_struct_na_base_pair.j_auth_seq_id 
_ndb_struct_na_base_pair.j_PDB_ins_code 
_ndb_struct_na_base_pair.hbond_type_28 
_ndb_struct_na_base_pair.hbond_type_12 
1 A G 1 1_555 B C 8 1_555 0.133  0.373  0.944 4.107  -13.157 -0.463 1 A_G1:C16_B A 1 ? B 16 ? ?  1 
1 A U 2 1_555 B A 7 1_555 0.356  -0.123 0.361 5.236  -22.484 -3.132 2 A_U2:A15_B A 2 ? B 15 ? 20 1 
1 A G 3 1_555 B U 6 1_555 -1.677 -0.112 0.507 0.122  -16.955 11.040 3 A_G3:U14_B A 3 ? B 14 ? 28 1 
1 A U 4 1_555 B A 5 1_555 -0.179 0.168  0.373 -0.406 -15.915 6.075  4 A_U4:A13_B A 4 ? B 13 ? 20 1 
1 A A 5 1_555 B U 4 1_555 0.133  -0.186 0.440 0.737  -19.878 2.344  5 A_A5:U12_B A 5 ? B 12 ? 20 1 
1 A U 6 1_555 B G 3 1_555 2.554  -0.504 0.863 -1.655 -22.553 2.342  6 A_U6:G11_B A 6 ? B 11 ? 28 1 
1 A A 7 1_555 B U 2 1_555 0.020  0.001  0.355 4.436  -14.834 2.080  7 A_A7:U10_B A 7 ? B 10 ? 20 1 
1 A C 8 1_555 B G 1 1_555 0.651  -0.093 0.155 5.728  -18.153 -4.456 8 A_C8:G9_B  A 8 ? B 9  ? 19 1 
# 
loop_
_ndb_struct_na_base_pair_step.model_number 
_ndb_struct_na_base_pair_step.i_label_asym_id_1 
_ndb_struct_na_base_pair_step.i_label_comp_id_1 
_ndb_struct_na_base_pair_step.i_label_seq_id_1 
_ndb_struct_na_base_pair_step.i_symmetry_1 
_ndb_struct_na_base_pair_step.j_label_asym_id_1 
_ndb_struct_na_base_pair_step.j_label_comp_id_1 
_ndb_struct_na_base_pair_step.j_label_seq_id_1 
_ndb_struct_na_base_pair_step.j_symmetry_1 
_ndb_struct_na_base_pair_step.i_label_asym_id_2 
_ndb_struct_na_base_pair_step.i_label_comp_id_2 
_ndb_struct_na_base_pair_step.i_label_seq_id_2 
_ndb_struct_na_base_pair_step.i_symmetry_2 
_ndb_struct_na_base_pair_step.j_label_asym_id_2 
_ndb_struct_na_base_pair_step.j_label_comp_id_2 
_ndb_struct_na_base_pair_step.j_label_seq_id_2 
_ndb_struct_na_base_pair_step.j_symmetry_2 
_ndb_struct_na_base_pair_step.shift 
_ndb_struct_na_base_pair_step.slide 
_ndb_struct_na_base_pair_step.rise 
_ndb_struct_na_base_pair_step.tilt 
_ndb_struct_na_base_pair_step.roll 
_ndb_struct_na_base_pair_step.twist 
_ndb_struct_na_base_pair_step.x_displacement 
_ndb_struct_na_base_pair_step.y_displacement 
_ndb_struct_na_base_pair_step.helical_rise 
_ndb_struct_na_base_pair_step.inclination 
_ndb_struct_na_base_pair_step.tip 
_ndb_struct_na_base_pair_step.helical_twist 
_ndb_struct_na_base_pair_step.step_number 
_ndb_struct_na_base_pair_step.step_name 
_ndb_struct_na_base_pair_step.i_auth_asym_id_1 
_ndb_struct_na_base_pair_step.i_auth_seq_id_1 
_ndb_struct_na_base_pair_step.i_PDB_ins_code_1 
_ndb_struct_na_base_pair_step.j_auth_asym_id_1 
_ndb_struct_na_base_pair_step.j_auth_seq_id_1 
_ndb_struct_na_base_pair_step.j_PDB_ins_code_1 
_ndb_struct_na_base_pair_step.i_auth_asym_id_2 
_ndb_struct_na_base_pair_step.i_auth_seq_id_2 
_ndb_struct_na_base_pair_step.i_PDB_ins_code_2 
_ndb_struct_na_base_pair_step.j_auth_asym_id_2 
_ndb_struct_na_base_pair_step.j_auth_seq_id_2 
_ndb_struct_na_base_pair_step.j_PDB_ins_code_2 
1 A G 1 1_555 B C 8 1_555 A U 2 1_555 B A 7 1_555 -0.306 -1.335 3.174 3.424  10.235 34.291 -3.499 0.943  2.638 16.849 -5.637  
35.901 1 AA_G1U2:A15C16_BB A 1 ? B 16 ? A 2 ? B 15 ? 
1 A U 2 1_555 B A 7 1_555 A G 3 1_555 B U 6 1_555 1.268  -1.174 2.962 -0.998 9.618  28.328 -3.954 -2.633 2.398 18.968 1.968   
29.901 2 AA_U2G3:U14A15_BB A 2 ? B 15 ? A 3 ? B 14 ? 
1 A G 3 1_555 B U 6 1_555 A U 4 1_555 B A 5 1_555 -0.475 -1.220 3.213 -1.251 5.794  34.795 -2.833 0.606  2.993 9.603  2.073   
35.281 3 AA_G3U4:A13U14_BB A 3 ? B 14 ? A 4 ? B 13 ? 
1 A U 4 1_555 B A 5 1_555 A A 5 1_555 B U 4 1_555 -0.086 -1.326 3.050 -0.745 5.083  36.427 -2.729 0.045  2.847 8.081  1.184   
36.775 4 AA_U4A5:U12A13_BB A 4 ? B 13 ? A 5 ? B 12 ? 
1 A A 5 1_555 B U 4 1_555 A U 6 1_555 B G 3 1_555 -0.176 -1.213 3.133 0.202  9.417  42.826 -2.451 0.253  2.817 12.713 -0.272  
43.802 5 AA_A5U6:G11U12_BB A 5 ? B 12 ? A 6 ? B 11 ? 
1 A U 6 1_555 B G 3 1_555 A A 7 1_555 B U 2 1_555 -0.814 -1.313 2.610 5.226  12.885 27.579 -4.210 2.237  1.667 25.107 -10.183 
30.825 6 AA_U6A7:U10G11_BB A 6 ? B 11 ? A 7 ? B 10 ? 
1 A A 7 1_555 B U 2 1_555 A C 8 1_555 B G 1 1_555 0.474  -0.921 3.267 3.604  10.703 34.222 -2.965 -0.271 2.892 17.603 -5.928  
35.984 7 AA_A7C8:G9U10_BB  A 7 ? B 10 ? A 8 ? B 9  ? 
# 
_pdbx_entity_nonpoly.entity_id   2 
_pdbx_entity_nonpoly.name        'STRONTIUM ION' 
_pdbx_entity_nonpoly.comp_id     SR 
# 
_pdbx_initial_refinement_model.id               1 
_pdbx_initial_refinement_model.entity_id_list   ? 
_pdbx_initial_refinement_model.type             'experimental model' 
_pdbx_initial_refinement_model.source_name      PDB 
_pdbx_initial_refinement_model.accession_code   246D 
_pdbx_initial_refinement_model.details          'PDB ENTRY 246D' 
# 
